data_9D9S
#
_entry.id   9D9S
#
_cell.length_a   1.00
_cell.length_b   1.00
_cell.length_c   1.00
_cell.angle_alpha   90.00
_cell.angle_beta   90.00
_cell.angle_gamma   90.00
#
_symmetry.space_group_name_H-M   'P 1'
#
loop_
_entity.id
_entity.type
_entity.pdbx_description
1 polymer VP1
2 polymer VP2
3 polymer VP3
4 polymer VP4
5 non-polymer SPHINGOSINE
#
loop_
_entity_poly.entity_id
_entity_poly.type
_entity_poly.pdbx_seq_one_letter_code
_entity_poly.pdbx_strand_id
1 'polypeptide(L)'
;IEEVMKTVANTVESEIRAELGVIPSLNAAETGATSNTTPEEAIQTRAVINQHGTSETLVENFLGRAALVMMKDFEYKNHV
TGTQKVQQNFFKWTINTRSYVQLRRKFELFTYIRFDSEITIVPTIRLYTSTGASYSGLPNLTLQAMFVPVGAPTPKSQDS
YEWQSACNPSVFFKIDDPPARMTIPFMCINSAYGMFYDGFAGFEKTANGLYGINPANTMGNLCIRVVNAYQPVQYTITIR
IYLKPKHIKAWVPRPPRTMPYMSIANTNYTGHSSAPNNVNAIVGNRTNITTMPNDIVT
;
A
2 'polypeptide(L)'
;SDRVLQLKLGNSAIVTQEAANMCCAYGEWPSYLPDNEATAIDKPTQPETSTDRFYTLKSVKWEGTSTGWWWKLPDALNQT
GMFGQNVQYHYLYRSGFLCHVQCNATKFHQGALLVVAIPEHQLGKYNTGTSASFDDVMKGKTGGVFTHPYVLDDGTSLAC
SLIFPHQWINLRTNNSATIMLPWMNCAPMDFALRHNQWTLAIIPVVPLNTSGGTTMVPITVSIAPMCCEFNGLRNAIT
;
B
3 'polypeptide(L)'
;GVPTYLLPGSSQFMTTDDHSSAPAFPDFSPTPEIHIPGRVHNMLELVQVESMMEINNVAGSSGMERLRVEISVQTDMDAL
LFNIPLDIQLDGPLRSTLLANIARYYTHWSGSMEMTFMFCGSFMATGKVILCYTPPGGSCPTDRESAMLGTHIVWDFGLQ
SSITLVIPWISGSHFRMFNSDAKSINANVGYVTCFMQTNLIVPKEAATSTYIIGFAAAKNDFSLRLMRDSPDIGQSQQLE
GATAAFQ
;
C
4 'polypeptide(L)' INFYKDSYAASASKQDFSQDPSKFTEPVADALKAGAPVL D
#
# COMPACT_ATOMS: atom_id res chain seq x y z
N ILE A 1 16.15 -15.34 4.43
CA ILE A 1 16.51 -15.97 3.16
C ILE A 1 15.30 -16.01 2.24
N GLU A 2 15.41 -16.75 1.14
CA GLU A 2 14.31 -16.99 0.22
C GLU A 2 13.94 -18.46 0.29
N GLU A 3 12.68 -18.74 0.60
CA GLU A 3 12.18 -20.10 0.73
C GLU A 3 11.02 -20.32 -0.23
N VAL A 4 10.93 -21.54 -0.77
CA VAL A 4 9.81 -21.93 -1.61
C VAL A 4 8.73 -22.51 -0.69
N MET A 5 7.53 -21.94 -0.76
CA MET A 5 6.44 -22.26 0.16
C MET A 5 5.21 -22.69 -0.64
N LYS A 6 5.14 -23.97 -0.99
CA LYS A 6 3.92 -24.48 -1.61
C LYS A 6 2.78 -24.55 -0.61
N THR A 7 3.08 -24.88 0.65
CA THR A 7 2.11 -24.92 1.72
C THR A 7 2.52 -23.90 2.79
N VAL A 8 1.69 -23.78 3.83
CA VAL A 8 2.06 -22.94 4.97
C VAL A 8 2.91 -23.74 5.94
N ALA A 9 3.46 -23.07 6.95
CA ALA A 9 4.31 -23.72 7.94
C ALA A 9 3.53 -24.71 8.80
N ASN A 10 4.15 -25.86 9.07
CA ASN A 10 3.66 -26.79 10.07
C ASN A 10 3.79 -26.20 11.47
N THR A 11 3.04 -26.77 12.41
CA THR A 11 3.27 -26.54 13.83
C THR A 11 3.98 -27.74 14.45
N VAL A 12 4.99 -27.48 15.27
CA VAL A 12 5.67 -28.52 16.01
C VAL A 12 5.16 -28.54 17.45
N GLU A 13 5.35 -29.68 18.12
CA GLU A 13 5.07 -29.79 19.54
C GLU A 13 5.90 -28.82 20.36
N SER A 14 5.36 -28.44 21.51
CA SER A 14 6.05 -27.56 22.44
C SER A 14 5.80 -28.05 23.86
N GLU A 15 6.67 -27.63 24.77
CA GLU A 15 6.69 -28.14 26.13
C GLU A 15 6.85 -27.00 27.11
N ILE A 16 6.71 -27.32 28.39
CA ILE A 16 6.85 -26.33 29.46
C ILE A 16 8.23 -25.68 29.38
N ARG A 17 8.24 -24.35 29.38
CA ARG A 17 9.47 -23.56 29.35
C ARG A 17 9.50 -22.63 30.56
N ALA A 18 10.60 -22.70 31.33
CA ALA A 18 10.78 -21.82 32.48
C ALA A 18 12.26 -21.48 32.58
N GLU A 19 12.73 -20.66 31.66
CA GLU A 19 14.15 -20.36 31.49
C GLU A 19 14.45 -18.92 31.87
N LEU A 20 15.66 -18.70 32.36
CA LEU A 20 16.14 -17.37 32.71
C LEU A 20 16.93 -16.80 31.54
N GLY A 21 16.63 -15.55 31.18
CA GLY A 21 17.29 -14.91 30.07
C GLY A 21 16.67 -15.15 28.72
N VAL A 22 15.62 -15.96 28.64
CA VAL A 22 14.91 -16.24 27.40
C VAL A 22 13.53 -15.63 27.51
N ILE A 23 13.23 -14.65 26.66
CA ILE A 23 11.94 -13.97 26.65
C ILE A 23 11.40 -13.92 25.23
N PRO A 24 10.91 -15.03 24.67
CA PRO A 24 10.43 -14.99 23.28
C PRO A 24 9.27 -14.04 23.04
N SER A 25 8.37 -13.87 24.01
CA SER A 25 7.18 -13.06 23.82
C SER A 25 7.43 -11.57 24.01
N LEU A 26 8.66 -11.17 24.28
CA LEU A 26 9.02 -9.78 24.47
C LEU A 26 9.75 -9.27 23.24
N ASN A 27 9.29 -8.14 22.72
CA ASN A 27 9.85 -7.59 21.48
C ASN A 27 10.23 -6.13 21.65
N ALA A 28 10.56 -5.48 20.53
CA ALA A 28 10.83 -4.04 20.52
C ALA A 28 10.37 -3.51 19.17
N ALA A 29 9.19 -2.90 19.15
CA ALA A 29 8.62 -2.39 17.90
C ALA A 29 9.40 -1.22 17.32
N GLU A 30 10.25 -0.57 18.11
CA GLU A 30 10.98 0.59 17.61
C GLU A 30 12.01 0.24 16.57
N THR A 31 12.53 -0.99 16.56
CA THR A 31 13.50 -1.39 15.56
C THR A 31 12.93 -1.42 14.16
N GLY A 32 11.60 -1.35 14.00
CA GLY A 32 10.98 -1.48 12.72
C GLY A 32 10.74 -2.91 12.28
N ALA A 33 11.10 -3.88 13.11
CA ALA A 33 10.88 -5.29 12.82
C ALA A 33 9.59 -5.78 13.47
N THR A 34 8.83 -6.56 12.70
CA THR A 34 7.68 -7.27 13.25
C THR A 34 8.14 -8.33 14.25
N SER A 35 7.30 -8.60 15.24
CA SER A 35 7.61 -9.60 16.25
C SER A 35 7.88 -10.95 15.62
N ASN A 36 8.91 -11.64 16.13
CA ASN A 36 9.26 -12.98 15.70
C ASN A 36 8.73 -14.06 16.62
N THR A 37 7.90 -13.71 17.60
CA THR A 37 7.36 -14.71 18.52
C THR A 37 6.48 -15.70 17.78
N THR A 38 6.87 -16.98 17.83
CA THR A 38 6.11 -18.03 17.17
C THR A 38 5.12 -18.67 18.13
N PRO A 39 4.06 -19.28 17.59
CA PRO A 39 3.06 -19.93 18.47
C PRO A 39 3.63 -20.99 19.38
N GLU A 40 4.67 -21.71 18.95
CA GLU A 40 5.22 -22.79 19.77
C GLU A 40 5.96 -22.29 21.00
N GLU A 41 6.39 -21.04 21.00
CA GLU A 41 7.04 -20.45 22.16
C GLU A 41 6.16 -19.47 22.90
N ALA A 42 4.95 -19.20 22.40
CA ALA A 42 3.94 -18.46 23.14
C ALA A 42 3.08 -19.38 23.99
N ILE A 43 2.72 -20.55 23.46
CA ILE A 43 1.82 -21.50 24.12
C ILE A 43 2.37 -22.89 23.89
N GLN A 44 1.85 -23.84 24.66
CA GLN A 44 2.18 -25.25 24.49
C GLN A 44 1.34 -25.88 23.38
N THR A 45 1.92 -25.98 22.19
CA THR A 45 1.29 -26.48 20.97
C THR A 45 1.40 -28.00 20.84
N ARG A 46 0.48 -28.57 20.07
CA ARG A 46 0.64 -29.91 19.50
C ARG A 46 1.31 -29.81 18.14
N ALA A 47 1.78 -30.96 17.63
CA ALA A 47 2.20 -31.05 16.24
C ALA A 47 1.00 -31.03 15.30
N VAL A 48 1.15 -30.34 14.17
CA VAL A 48 0.15 -30.28 13.10
C VAL A 48 0.86 -30.26 11.77
N ILE A 49 0.73 -31.33 10.99
CA ILE A 49 1.17 -31.33 9.60
C ILE A 49 0.13 -30.57 8.78
N ASN A 50 0.49 -29.38 8.31
CA ASN A 50 -0.45 -28.45 7.71
C ASN A 50 -0.27 -28.46 6.19
N GLN A 51 -1.35 -28.75 5.47
CA GLN A 51 -1.31 -28.87 4.02
C GLN A 51 -2.15 -27.80 3.33
N HIS A 52 -2.25 -26.62 3.93
CA HIS A 52 -2.99 -25.52 3.33
C HIS A 52 -2.10 -24.83 2.31
N GLY A 53 -2.52 -24.82 1.05
CA GLY A 53 -1.73 -24.25 -0.02
C GLY A 53 -1.74 -22.74 -0.02
N THR A 54 -0.81 -22.16 -0.78
CA THR A 54 -0.64 -20.71 -0.87
C THR A 54 -0.75 -20.21 -2.30
N SER A 55 -1.28 -21.01 -3.22
CA SER A 55 -1.30 -20.65 -4.63
C SER A 55 -2.35 -19.61 -4.95
N GLU A 56 -3.51 -19.66 -4.29
CA GLU A 56 -4.59 -18.75 -4.61
C GLU A 56 -4.22 -17.30 -4.35
N THR A 57 -3.26 -17.05 -3.46
CA THR A 57 -2.93 -15.71 -3.02
C THR A 57 -1.64 -15.18 -3.63
N LEU A 58 -1.12 -15.86 -4.66
CA LEU A 58 0.01 -15.34 -5.41
C LEU A 58 -0.35 -14.02 -6.07
N VAL A 59 0.67 -13.15 -6.24
CA VAL A 59 0.44 -11.85 -6.87
C VAL A 59 -0.08 -12.02 -8.29
N GLU A 60 0.47 -12.99 -9.02
CA GLU A 60 -0.01 -13.28 -10.37
C GLU A 60 -1.49 -13.65 -10.35
N ASN A 61 -1.92 -14.44 -9.37
CA ASN A 61 -3.32 -14.78 -9.23
C ASN A 61 -4.13 -13.68 -8.54
N PHE A 62 -3.52 -12.86 -7.70
CA PHE A 62 -4.24 -11.75 -7.08
C PHE A 62 -4.62 -10.68 -8.09
N LEU A 63 -3.70 -10.34 -9.00
CA LEU A 63 -3.98 -9.29 -9.97
C LEU A 63 -4.43 -9.82 -11.33
N GLY A 64 -4.09 -11.06 -11.67
CA GLY A 64 -4.40 -11.59 -12.97
C GLY A 64 -5.85 -11.96 -13.16
N ARG A 65 -6.74 -10.98 -13.04
CA ARG A 65 -8.16 -11.18 -13.27
C ARG A 65 -8.69 -10.02 -14.09
N ALA A 66 -9.55 -10.32 -15.06
CA ALA A 66 -10.14 -9.27 -15.89
C ALA A 66 -11.07 -8.39 -15.06
N ALA A 67 -10.90 -7.08 -15.19
CA ALA A 67 -11.77 -6.11 -14.53
C ALA A 67 -12.10 -5.01 -15.51
N LEU A 68 -13.23 -4.35 -15.26
CA LEU A 68 -13.68 -3.26 -16.13
C LEU A 68 -12.69 -2.11 -16.08
N VAL A 69 -12.23 -1.66 -17.24
CA VAL A 69 -11.33 -0.51 -17.29
C VAL A 69 -11.95 0.68 -18.01
N MET A 70 -12.83 0.42 -18.97
CA MET A 70 -13.51 1.49 -19.67
C MET A 70 -14.92 1.03 -20.05
N MET A 71 -15.87 1.96 -20.00
CA MET A 71 -17.21 1.71 -20.51
C MET A 71 -17.79 3.01 -21.04
N LYS A 72 -18.34 2.97 -22.25
CA LYS A 72 -18.80 4.18 -22.91
C LYS A 72 -19.86 3.82 -23.95
N ASP A 73 -20.92 4.61 -23.99
CA ASP A 73 -21.98 4.45 -24.98
C ASP A 73 -21.98 5.62 -25.96
N PHE A 74 -22.44 5.35 -27.18
CA PHE A 74 -22.56 6.39 -28.19
C PHE A 74 -23.69 6.04 -29.13
N GLU A 75 -24.20 7.06 -29.82
CA GLU A 75 -25.35 6.92 -30.70
C GLU A 75 -24.93 6.49 -32.09
N TYR A 76 -25.69 5.57 -32.68
CA TYR A 76 -25.46 5.07 -34.03
C TYR A 76 -26.64 5.52 -34.90
N LYS A 77 -26.50 6.68 -35.51
CA LYS A 77 -27.54 7.27 -36.34
C LYS A 77 -26.87 8.08 -37.44
N ASN A 78 -27.64 8.96 -38.07
CA ASN A 78 -27.10 9.91 -39.04
C ASN A 78 -27.06 11.28 -38.37
N HIS A 79 -25.86 11.68 -37.93
CA HIS A 79 -25.69 12.97 -37.27
C HIS A 79 -25.46 14.11 -38.25
N VAL A 80 -25.37 13.84 -39.55
CA VAL A 80 -25.14 14.89 -40.52
C VAL A 80 -26.32 15.85 -40.60
N THR A 81 -27.51 15.41 -40.20
CA THR A 81 -28.67 16.29 -40.18
C THR A 81 -28.46 17.43 -39.19
N GLY A 82 -28.99 18.60 -39.53
CA GLY A 82 -28.89 19.77 -38.68
C GLY A 82 -27.76 20.70 -39.05
N THR A 83 -27.04 21.20 -38.05
CA THR A 83 -25.88 22.06 -38.27
C THR A 83 -24.57 21.31 -38.14
N GLN A 84 -24.62 19.98 -38.04
CA GLN A 84 -23.44 19.16 -37.87
C GLN A 84 -23.07 18.55 -39.22
N LYS A 85 -21.87 18.85 -39.70
CA LYS A 85 -21.42 18.41 -41.01
C LYS A 85 -20.52 17.18 -40.94
N VAL A 86 -20.42 16.56 -39.77
CA VAL A 86 -19.53 15.42 -39.53
C VAL A 86 -20.37 14.25 -39.07
N GLN A 87 -20.07 13.06 -39.62
CA GLN A 87 -20.90 11.89 -39.36
C GLN A 87 -20.92 11.53 -37.87
N GLN A 88 -19.74 11.39 -37.26
CA GLN A 88 -19.62 11.24 -35.81
C GLN A 88 -20.27 9.96 -35.30
N ASN A 89 -20.03 8.85 -35.99
CA ASN A 89 -20.45 7.53 -35.49
C ASN A 89 -19.26 6.79 -34.86
N PHE A 90 -18.73 7.37 -33.79
CA PHE A 90 -17.50 6.85 -33.19
C PHE A 90 -17.28 7.55 -31.86
N PHE A 91 -16.20 7.16 -31.18
CA PHE A 91 -15.72 7.87 -30.00
C PHE A 91 -14.22 7.63 -29.86
N LYS A 92 -13.59 8.48 -29.06
CA LYS A 92 -12.17 8.40 -28.78
C LYS A 92 -11.97 8.34 -27.27
N TRP A 93 -11.09 7.47 -26.81
CA TRP A 93 -10.78 7.35 -25.39
C TRP A 93 -9.28 7.45 -25.15
N THR A 94 -8.88 8.33 -24.23
CA THR A 94 -7.49 8.40 -23.79
C THR A 94 -7.26 7.35 -22.72
N ILE A 95 -6.39 6.39 -23.01
CA ILE A 95 -6.25 5.21 -22.17
C ILE A 95 -5.76 5.59 -20.78
N ASN A 96 -6.53 5.20 -19.76
CA ASN A 96 -6.13 5.30 -18.37
C ASN A 96 -6.66 4.07 -17.64
N THR A 97 -6.09 3.79 -16.48
CA THR A 97 -6.53 2.65 -15.67
C THR A 97 -6.97 3.09 -14.27
N ARG A 98 -7.41 4.33 -14.14
CA ARG A 98 -7.77 4.91 -12.85
C ARG A 98 -9.23 5.36 -12.82
N SER A 99 -10.04 4.92 -13.78
CA SER A 99 -11.43 5.37 -13.90
C SER A 99 -12.36 4.58 -12.98
N TYR A 100 -12.10 3.29 -12.78
CA TYR A 100 -12.97 2.44 -11.99
C TYR A 100 -12.22 1.93 -10.77
N VAL A 101 -12.79 2.17 -9.59
CA VAL A 101 -12.04 2.08 -8.35
C VAL A 101 -11.69 0.65 -7.96
N GLN A 102 -12.42 -0.33 -8.47
CA GLN A 102 -12.19 -1.71 -8.04
C GLN A 102 -10.81 -2.18 -8.50
N LEU A 103 -10.53 -2.05 -9.79
CA LEU A 103 -9.22 -2.38 -10.33
C LEU A 103 -8.16 -1.41 -9.81
N ARG A 104 -8.50 -0.12 -9.72
CA ARG A 104 -7.55 0.90 -9.27
C ARG A 104 -7.02 0.64 -7.87
N ARG A 105 -7.90 0.35 -6.91
CA ARG A 105 -7.43 0.09 -5.55
C ARG A 105 -6.58 -1.16 -5.46
N LYS A 106 -6.88 -2.16 -6.28
CA LYS A 106 -6.08 -3.38 -6.32
C LYS A 106 -4.70 -3.13 -6.93
N PHE A 107 -4.61 -2.29 -7.96
CA PHE A 107 -3.30 -1.88 -8.48
C PHE A 107 -2.52 -1.01 -7.51
N GLU A 108 -3.18 -0.08 -6.81
CA GLU A 108 -2.42 0.81 -5.94
C GLU A 108 -2.01 0.17 -4.64
N LEU A 109 -2.08 -1.14 -4.53
CA LEU A 109 -1.42 -1.85 -3.43
C LEU A 109 0.07 -1.96 -3.64
N PHE A 110 0.58 -1.54 -4.81
CA PHE A 110 2.00 -1.59 -5.13
C PHE A 110 2.40 -0.28 -5.80
N THR A 111 3.68 0.08 -5.66
CA THR A 111 4.17 1.29 -6.31
C THR A 111 4.48 1.04 -7.79
N TYR A 112 5.09 -0.09 -8.12
CA TYR A 112 5.44 -0.41 -9.49
C TYR A 112 4.91 -1.79 -9.85
N ILE A 113 4.29 -1.89 -11.02
CA ILE A 113 3.85 -3.17 -11.57
C ILE A 113 4.29 -3.26 -13.02
N ARG A 114 4.88 -4.40 -13.39
CA ARG A 114 5.22 -4.70 -14.78
C ARG A 114 4.33 -5.85 -15.23
N PHE A 115 3.52 -5.61 -16.26
CA PHE A 115 2.63 -6.65 -16.76
C PHE A 115 2.30 -6.45 -18.24
N ASP A 116 1.98 -7.55 -18.90
CA ASP A 116 1.30 -7.53 -20.19
C ASP A 116 -0.20 -7.46 -19.97
N SER A 117 -0.89 -6.76 -20.86
CA SER A 117 -2.32 -6.51 -20.73
C SER A 117 -3.10 -7.36 -21.74
N GLU A 118 -3.92 -8.26 -21.24
CA GLU A 118 -4.92 -8.98 -22.04
C GLU A 118 -6.20 -8.16 -22.11
N ILE A 119 -6.51 -7.61 -23.29
CA ILE A 119 -7.63 -6.71 -23.46
C ILE A 119 -8.79 -7.48 -24.08
N THR A 120 -9.99 -7.34 -23.50
CA THR A 120 -11.21 -7.95 -24.00
C THR A 120 -12.27 -6.87 -24.22
N ILE A 121 -12.84 -6.83 -25.43
CA ILE A 121 -13.81 -5.81 -25.81
C ILE A 121 -15.19 -6.45 -25.91
N VAL A 122 -16.12 -5.97 -25.09
CA VAL A 122 -17.46 -6.54 -25.02
C VAL A 122 -18.48 -5.52 -25.53
N PRO A 123 -18.98 -5.66 -26.76
CA PRO A 123 -20.01 -4.74 -27.25
C PRO A 123 -21.43 -5.20 -26.93
N THR A 124 -22.27 -4.24 -26.56
CA THR A 124 -23.71 -4.45 -26.45
C THR A 124 -24.43 -3.40 -27.27
N ILE A 125 -25.68 -3.72 -27.63
CA ILE A 125 -26.49 -2.90 -28.52
C ILE A 125 -27.92 -2.86 -28.03
N ARG A 126 -28.56 -1.70 -28.15
CA ARG A 126 -29.98 -1.55 -27.86
C ARG A 126 -30.62 -0.71 -28.97
N LEU A 127 -31.94 -0.72 -29.03
CA LEU A 127 -32.69 0.08 -30.00
C LEU A 127 -33.32 1.26 -29.28
N TYR A 128 -33.03 2.47 -29.76
CA TYR A 128 -33.49 3.69 -29.11
C TYR A 128 -35.01 3.77 -29.12
N THR A 129 -35.58 4.18 -27.99
CA THR A 129 -37.02 4.23 -27.78
C THR A 129 -37.51 5.65 -28.05
N SER A 130 -38.07 5.88 -29.24
CA SER A 130 -38.61 7.19 -29.57
C SER A 130 -39.60 7.05 -30.71
N THR A 131 -40.87 7.39 -30.44
CA THR A 131 -41.92 7.47 -31.47
C THR A 131 -42.08 6.17 -32.23
N GLY A 132 -41.44 6.05 -33.39
CA GLY A 132 -41.56 4.85 -34.19
C GLY A 132 -40.68 3.73 -33.71
N ALA A 133 -40.64 3.54 -32.40
CA ALA A 133 -39.77 2.53 -31.77
C ALA A 133 -40.42 1.14 -31.87
N SER A 134 -40.65 0.74 -33.11
CA SER A 134 -41.15 -0.60 -33.41
C SER A 134 -39.95 -1.53 -33.50
N TYR A 135 -39.83 -2.45 -32.56
CA TYR A 135 -38.67 -3.32 -32.50
C TYR A 135 -38.57 -4.17 -33.76
N SER A 136 -37.34 -4.32 -34.27
CA SER A 136 -37.10 -5.16 -35.42
C SER A 136 -35.83 -5.98 -35.28
N GLY A 137 -35.34 -6.17 -34.06
CA GLY A 137 -34.11 -6.91 -33.83
C GLY A 137 -32.88 -6.02 -33.87
N LEU A 138 -31.79 -6.57 -33.34
CA LEU A 138 -30.53 -5.85 -33.26
C LEU A 138 -29.65 -6.22 -34.44
N PRO A 139 -29.18 -5.26 -35.24
CA PRO A 139 -28.36 -5.60 -36.40
C PRO A 139 -27.02 -6.17 -36.00
N ASN A 140 -26.45 -6.97 -36.90
CA ASN A 140 -25.13 -7.56 -36.69
C ASN A 140 -24.09 -6.65 -37.32
N LEU A 141 -23.73 -5.61 -36.58
CA LEU A 141 -22.80 -4.60 -37.06
C LEU A 141 -21.36 -5.01 -36.76
N THR A 142 -20.46 -4.56 -37.62
CA THR A 142 -19.03 -4.78 -37.43
C THR A 142 -18.39 -3.49 -36.94
N LEU A 143 -17.59 -3.60 -35.89
CA LEU A 143 -16.95 -2.46 -35.26
C LEU A 143 -15.45 -2.55 -35.43
N GLN A 144 -14.80 -1.39 -35.49
CA GLN A 144 -13.36 -1.30 -35.62
C GLN A 144 -12.79 -0.56 -34.42
N ALA A 145 -11.89 -1.21 -33.69
CA ALA A 145 -11.18 -0.59 -32.58
C ALA A 145 -9.74 -0.40 -33.04
N MET A 146 -9.30 0.85 -33.10
CA MET A 146 -7.96 1.17 -33.57
C MET A 146 -7.17 1.78 -32.42
N PHE A 147 -6.01 1.18 -32.14
CA PHE A 147 -5.06 1.76 -31.20
C PHE A 147 -4.30 2.89 -31.87
N VAL A 148 -4.25 4.05 -31.23
CA VAL A 148 -3.58 5.23 -31.76
C VAL A 148 -2.52 5.66 -30.76
N PRO A 149 -1.26 5.35 -31.02
CA PRO A 149 -0.17 5.81 -30.14
C PRO A 149 -0.06 7.32 -30.11
N VAL A 150 0.76 7.79 -29.16
CA VAL A 150 1.08 9.22 -29.06
C VAL A 150 1.67 9.73 -30.36
N GLY A 151 1.16 10.86 -30.84
CA GLY A 151 1.67 11.52 -32.02
C GLY A 151 1.04 11.09 -33.32
N ALA A 152 0.30 9.99 -33.34
CA ALA A 152 -0.37 9.58 -34.55
C ALA A 152 -1.63 10.42 -34.77
N PRO A 153 -2.03 10.63 -36.02
CA PRO A 153 -3.28 11.33 -36.28
C PRO A 153 -4.47 10.56 -35.70
N THR A 154 -5.48 11.31 -35.25
CA THR A 154 -6.65 10.75 -34.62
C THR A 154 -7.89 11.02 -35.47
N PRO A 155 -8.75 10.03 -35.69
CA PRO A 155 -9.94 10.25 -36.51
C PRO A 155 -10.86 11.31 -35.92
N LYS A 156 -11.49 12.07 -36.82
CA LYS A 156 -12.45 13.10 -36.44
C LYS A 156 -13.85 12.78 -36.90
N SER A 157 -14.05 11.67 -37.60
CA SER A 157 -15.35 11.29 -38.12
C SER A 157 -15.38 9.77 -38.30
N GLN A 158 -16.59 9.23 -38.49
CA GLN A 158 -16.72 7.83 -38.82
C GLN A 158 -16.11 7.52 -40.17
N ASP A 159 -16.22 8.44 -41.11
CA ASP A 159 -15.72 8.27 -42.47
C ASP A 159 -14.40 8.98 -42.70
N SER A 160 -13.61 9.17 -41.64
CA SER A 160 -12.28 9.74 -41.78
C SER A 160 -11.37 8.74 -42.50
N TYR A 161 -10.26 9.25 -43.01
CA TYR A 161 -9.29 8.43 -43.71
C TYR A 161 -8.17 7.96 -42.81
N GLU A 162 -8.26 8.21 -41.51
CA GLU A 162 -7.34 7.61 -40.56
C GLU A 162 -7.71 6.18 -40.23
N TRP A 163 -8.85 5.70 -40.72
CA TRP A 163 -9.36 4.38 -40.41
C TRP A 163 -8.81 3.30 -41.32
N GLN A 164 -7.93 3.64 -42.26
CA GLN A 164 -7.26 2.60 -43.04
C GLN A 164 -6.26 1.85 -42.17
N SER A 165 -5.59 2.56 -41.27
CA SER A 165 -4.70 1.97 -40.27
C SER A 165 -3.62 1.11 -40.94
N ALA A 166 -2.84 1.76 -41.80
CA ALA A 166 -1.72 1.08 -42.43
C ALA A 166 -0.67 0.66 -41.41
N CYS A 167 -0.49 1.47 -40.36
CA CYS A 167 0.46 1.17 -39.30
C CYS A 167 -0.22 0.97 -37.95
N ASN A 168 -1.26 1.73 -37.65
CA ASN A 168 -1.98 1.56 -36.40
C ASN A 168 -2.66 0.19 -36.39
N PRO A 169 -2.52 -0.58 -35.31
CA PRO A 169 -3.21 -1.86 -35.26
C PRO A 169 -4.70 -1.67 -34.99
N SER A 170 -5.52 -2.42 -35.72
CA SER A 170 -6.96 -2.37 -35.60
C SER A 170 -7.51 -3.78 -35.47
N VAL A 171 -8.66 -3.91 -34.83
CA VAL A 171 -9.43 -5.14 -34.82
C VAL A 171 -10.84 -4.86 -35.34
N PHE A 172 -11.30 -5.68 -36.28
CA PHE A 172 -12.67 -5.63 -36.77
C PHE A 172 -13.45 -6.80 -36.18
N PHE A 173 -14.47 -6.49 -35.39
CA PHE A 173 -15.23 -7.51 -34.67
C PHE A 173 -16.72 -7.18 -34.79
N LYS A 174 -17.54 -8.22 -34.87
CA LYS A 174 -18.97 -8.06 -35.04
C LYS A 174 -19.69 -8.18 -33.70
N ILE A 175 -20.93 -7.68 -33.68
CA ILE A 175 -21.74 -7.68 -32.46
C ILE A 175 -22.00 -9.10 -31.99
N ASP A 176 -22.34 -10.00 -32.91
CA ASP A 176 -22.75 -11.34 -32.54
C ASP A 176 -21.58 -12.30 -32.32
N ASP A 177 -20.35 -11.87 -32.58
CA ASP A 177 -19.19 -12.71 -32.34
C ASP A 177 -18.87 -12.79 -30.85
N PRO A 178 -18.00 -13.71 -30.46
CA PRO A 178 -17.31 -13.58 -29.16
C PRO A 178 -16.63 -12.23 -29.02
N PRO A 179 -16.47 -11.74 -27.79
CA PRO A 179 -15.72 -10.51 -27.55
C PRO A 179 -14.34 -10.52 -28.22
N ALA A 180 -13.94 -9.37 -28.74
CA ALA A 180 -12.60 -9.24 -29.31
C ALA A 180 -11.56 -9.30 -28.20
N ARG A 181 -10.44 -9.96 -28.49
CA ARG A 181 -9.36 -10.07 -27.52
C ARG A 181 -8.00 -9.96 -28.19
N MET A 182 -7.12 -9.19 -27.58
CA MET A 182 -5.73 -9.07 -28.02
C MET A 182 -4.88 -8.73 -26.80
N THR A 183 -3.61 -9.08 -26.86
CA THR A 183 -2.65 -8.73 -25.81
C THR A 183 -1.82 -7.51 -26.22
N ILE A 184 -1.83 -6.49 -25.37
CA ILE A 184 -0.84 -5.42 -25.40
C ILE A 184 0.38 -5.82 -24.59
N PRO A 185 1.60 -5.64 -25.13
CA PRO A 185 2.81 -5.97 -24.35
C PRO A 185 3.00 -4.98 -23.22
N PHE A 186 3.97 -5.30 -22.35
CA PHE A 186 4.50 -4.28 -21.45
C PHE A 186 5.13 -3.15 -22.24
N MET A 187 4.43 -2.01 -22.34
CA MET A 187 4.76 -0.98 -23.31
C MET A 187 5.23 0.32 -22.66
N CYS A 188 5.65 0.28 -21.40
CA CYS A 188 6.22 1.44 -20.76
C CYS A 188 7.59 1.78 -21.33
N ILE A 189 7.98 3.05 -21.19
CA ILE A 189 9.36 3.43 -21.52
C ILE A 189 10.32 3.15 -20.37
N ASN A 190 9.82 2.96 -19.15
CA ASN A 190 10.64 2.52 -18.03
C ASN A 190 10.51 1.03 -17.82
N SER A 191 11.24 0.52 -16.82
CA SER A 191 11.21 -0.90 -16.50
C SER A 191 9.88 -1.36 -15.94
N ALA A 192 9.07 -0.46 -15.40
CA ALA A 192 7.79 -0.82 -14.79
C ALA A 192 6.85 0.36 -14.90
N TYR A 193 5.55 0.08 -14.79
CA TYR A 193 4.58 1.16 -14.65
C TYR A 193 4.60 1.70 -13.24
N GLY A 194 4.54 3.02 -13.13
CA GLY A 194 4.37 3.64 -11.83
C GLY A 194 2.92 3.92 -11.52
N MET A 195 2.42 3.33 -10.43
CA MET A 195 1.07 3.66 -9.98
C MET A 195 1.01 5.04 -9.33
N PHE A 196 2.13 5.51 -8.79
CA PHE A 196 2.22 6.82 -8.16
C PHE A 196 3.44 7.56 -8.69
N TYR A 197 3.28 8.85 -8.95
CA TYR A 197 4.36 9.71 -9.42
C TYR A 197 4.42 10.95 -8.54
N ASP A 198 5.46 11.05 -7.73
CA ASP A 198 5.66 12.20 -6.83
C ASP A 198 6.50 13.27 -7.51
N GLY A 199 5.92 13.89 -8.53
CA GLY A 199 6.69 14.81 -9.34
C GLY A 199 5.81 15.46 -10.39
N PHE A 200 6.48 16.10 -11.35
CA PHE A 200 5.83 16.85 -12.41
C PHE A 200 6.27 16.34 -13.77
N ALA A 201 5.36 16.43 -14.74
CA ALA A 201 5.57 15.91 -16.07
C ALA A 201 6.14 16.93 -17.05
N GLY A 202 6.48 18.12 -16.60
CA GLY A 202 7.01 19.15 -17.48
C GLY A 202 8.26 19.78 -16.93
N PHE A 203 9.22 20.04 -17.83
CA PHE A 203 10.42 20.77 -17.45
C PHE A 203 10.10 22.20 -17.01
N GLU A 204 9.08 22.81 -17.61
CA GLU A 204 8.71 24.17 -17.24
C GLU A 204 8.03 24.17 -15.87
N LYS A 205 8.31 25.23 -15.10
CA LYS A 205 7.78 25.34 -13.74
C LYS A 205 6.51 26.17 -13.76
N THR A 206 5.43 25.53 -14.20
CA THR A 206 4.11 26.13 -14.10
C THR A 206 3.60 26.04 -12.66
N ALA A 207 2.72 26.97 -12.30
CA ALA A 207 2.22 27.03 -10.93
C ALA A 207 1.44 25.77 -10.57
N ASN A 208 0.58 25.30 -11.47
CA ASN A 208 -0.25 24.14 -11.19
C ASN A 208 -0.62 23.46 -12.51
N GLY A 209 -1.04 22.21 -12.39
CA GLY A 209 -1.56 21.46 -13.53
C GLY A 209 -0.75 20.24 -13.90
N LEU A 210 0.39 19.98 -13.25
CA LEU A 210 1.25 18.88 -13.67
C LEU A 210 1.75 18.01 -12.52
N TYR A 211 1.17 18.12 -11.33
CA TYR A 211 1.58 17.26 -10.23
C TYR A 211 0.88 15.92 -10.31
N GLY A 212 1.66 14.85 -10.17
CA GLY A 212 1.13 13.50 -10.18
C GLY A 212 0.87 12.94 -11.56
N ILE A 213 1.11 13.71 -12.62
CA ILE A 213 0.94 13.22 -13.98
C ILE A 213 2.25 12.56 -14.37
N ASN A 214 2.23 11.27 -14.58
CA ASN A 214 3.45 10.54 -14.90
C ASN A 214 3.79 10.71 -16.37
N PRO A 215 5.00 11.14 -16.70
CA PRO A 215 5.36 11.29 -18.12
C PRO A 215 5.26 9.98 -18.91
N ALA A 216 5.48 8.83 -18.26
CA ALA A 216 5.45 7.55 -18.93
C ALA A 216 4.05 6.96 -19.07
N ASN A 217 3.06 7.48 -18.36
CA ASN A 217 1.70 6.94 -18.45
C ASN A 217 0.93 7.53 -19.63
N THR A 218 1.64 7.95 -20.67
CA THR A 218 1.01 8.45 -21.89
C THR A 218 0.87 7.33 -22.92
N MET A 219 -0.05 6.39 -22.62
CA MET A 219 -0.23 5.23 -23.49
C MET A 219 -0.88 5.60 -24.82
N GLY A 220 -1.58 6.73 -24.91
CA GLY A 220 -2.26 7.12 -26.13
C GLY A 220 -3.78 6.97 -26.12
N ASN A 221 -4.37 6.71 -27.29
CA ASN A 221 -5.81 6.74 -27.46
C ASN A 221 -6.33 5.43 -28.04
N LEU A 222 -7.56 5.10 -27.68
CA LEU A 222 -8.33 4.03 -28.30
C LEU A 222 -9.53 4.66 -29.01
N CYS A 223 -9.59 4.52 -30.33
CA CYS A 223 -10.73 4.98 -31.12
C CYS A 223 -11.53 3.80 -31.64
N ILE A 224 -12.84 3.83 -31.41
CA ILE A 224 -13.76 2.78 -31.83
C ILE A 224 -14.88 3.42 -32.64
N ARG A 225 -15.18 2.83 -33.80
CA ARG A 225 -16.22 3.33 -34.69
C ARG A 225 -17.10 2.17 -35.13
N VAL A 226 -18.20 2.52 -35.80
CA VAL A 226 -19.04 1.55 -36.49
C VAL A 226 -18.70 1.60 -37.97
N VAL A 227 -18.33 0.46 -38.53
CA VAL A 227 -17.93 0.42 -39.94
C VAL A 227 -19.14 0.64 -40.85
N ASN A 228 -20.29 0.07 -40.48
CA ASN A 228 -21.47 0.20 -41.32
C ASN A 228 -21.92 1.65 -41.41
N ALA A 229 -22.53 2.00 -42.55
CA ALA A 229 -23.18 3.28 -42.66
C ALA A 229 -24.44 3.30 -41.81
N TYR A 230 -24.98 4.50 -41.59
CA TYR A 230 -26.12 4.65 -40.70
C TYR A 230 -27.35 3.93 -41.26
N GLN A 231 -28.11 3.35 -40.36
CA GLN A 231 -29.40 2.75 -40.68
C GLN A 231 -30.50 3.78 -40.53
N PRO A 232 -31.68 3.54 -41.09
CA PRO A 232 -32.79 4.50 -40.93
C PRO A 232 -33.22 4.69 -39.49
N VAL A 233 -32.89 3.78 -38.59
CA VAL A 233 -33.24 3.90 -37.18
C VAL A 233 -31.97 4.06 -36.37
N GLN A 234 -32.13 4.61 -35.16
CA GLN A 234 -31.02 4.90 -34.28
C GLN A 234 -30.83 3.78 -33.26
N TYR A 235 -29.58 3.39 -33.05
CA TYR A 235 -29.22 2.40 -32.05
C TYR A 235 -28.18 2.98 -31.11
N THR A 236 -28.09 2.40 -29.92
CA THR A 236 -27.12 2.82 -28.91
C THR A 236 -26.11 1.70 -28.71
N ILE A 237 -24.84 2.02 -28.92
CA ILE A 237 -23.75 1.05 -28.80
C ILE A 237 -23.04 1.30 -27.48
N THR A 238 -22.87 0.25 -26.68
CA THR A 238 -22.13 0.33 -25.43
C THR A 238 -20.91 -0.57 -25.52
N ILE A 239 -19.73 0.00 -25.29
CA ILE A 239 -18.47 -0.72 -25.37
C ILE A 239 -17.86 -0.81 -23.98
N ARG A 240 -17.61 -2.02 -23.52
CA ARG A 240 -16.97 -2.28 -22.25
C ARG A 240 -15.62 -2.94 -22.49
N ILE A 241 -14.56 -2.35 -21.94
CA ILE A 241 -13.20 -2.88 -22.07
C ILE A 241 -12.80 -3.52 -20.74
N TYR A 242 -12.36 -4.77 -20.81
CA TYR A 242 -11.83 -5.49 -19.65
C TYR A 242 -10.32 -5.66 -19.80
N LEU A 243 -9.59 -5.32 -18.75
CA LEU A 243 -8.14 -5.49 -18.70
C LEU A 243 -7.83 -6.65 -17.76
N LYS A 244 -7.12 -7.66 -18.26
CA LYS A 244 -6.47 -8.64 -17.41
C LYS A 244 -4.95 -8.52 -17.52
N PRO A 245 -4.24 -8.22 -16.44
CA PRO A 245 -2.78 -8.27 -16.48
C PRO A 245 -2.26 -9.69 -16.41
N LYS A 246 -1.08 -9.90 -17.00
CA LYS A 246 -0.43 -11.20 -16.93
C LYS A 246 1.09 -11.03 -16.96
N HIS A 247 1.79 -12.08 -16.53
CA HIS A 247 3.25 -12.07 -16.39
C HIS A 247 3.70 -11.01 -15.39
N ILE A 248 2.93 -10.87 -14.32
CA ILE A 248 2.95 -9.71 -13.43
C ILE A 248 4.19 -9.74 -12.54
N LYS A 249 4.76 -8.56 -12.30
CA LYS A 249 5.79 -8.37 -11.29
C LYS A 249 5.47 -7.09 -10.54
N ALA A 250 5.46 -7.16 -9.22
CA ALA A 250 5.04 -6.04 -8.38
C ALA A 250 6.08 -5.75 -7.31
N TRP A 251 6.33 -4.46 -7.06
CA TRP A 251 7.30 -4.02 -6.09
C TRP A 251 6.66 -2.99 -5.15
N VAL A 252 7.26 -2.85 -3.98
CA VAL A 252 6.97 -1.78 -3.02
C VAL A 252 5.48 -1.72 -2.65
N PRO A 253 4.98 -2.64 -1.83
CA PRO A 253 3.57 -2.57 -1.42
C PRO A 253 3.26 -1.30 -0.62
N ARG A 254 2.02 -0.85 -0.72
CA ARG A 254 1.56 0.40 -0.12
C ARG A 254 0.30 0.19 0.70
N PRO A 255 0.03 1.07 1.66
CA PRO A 255 -1.26 1.08 2.36
C PRO A 255 -2.43 1.15 1.39
N PRO A 256 -3.44 0.33 1.57
CA PRO A 256 -4.61 0.40 0.69
C PRO A 256 -5.35 1.71 0.84
N ARG A 257 -6.01 2.12 -0.23
CA ARG A 257 -6.83 3.33 -0.19
C ARG A 257 -8.06 3.13 0.69
N THR A 258 -8.32 4.09 1.57
CA THR A 258 -9.47 4.04 2.47
C THR A 258 -10.52 5.09 2.17
N MET A 259 -10.11 6.29 1.80
CA MET A 259 -11.06 7.34 1.40
C MET A 259 -11.57 7.06 -0.01
N PRO A 260 -12.84 7.34 -0.29
CA PRO A 260 -13.31 7.21 -1.67
C PRO A 260 -12.51 8.09 -2.61
N TYR A 261 -12.27 7.59 -3.82
CA TYR A 261 -11.60 8.38 -4.83
C TYR A 261 -12.49 9.54 -5.28
N MET A 262 -11.88 10.62 -5.72
CA MET A 262 -12.60 11.75 -6.26
C MET A 262 -12.25 12.08 -7.70
N SER A 263 -11.00 11.83 -8.12
CA SER A 263 -10.57 12.15 -9.47
C SER A 263 -9.70 11.02 -9.99
N ILE A 264 -9.45 11.05 -11.30
CA ILE A 264 -8.54 10.10 -11.93
C ILE A 264 -7.15 10.67 -12.08
N ALA A 265 -6.91 11.89 -11.63
CA ALA A 265 -5.64 12.56 -11.85
C ALA A 265 -4.87 12.82 -10.56
N ASN A 266 -5.48 12.64 -9.40
CA ASN A 266 -4.80 12.94 -8.15
C ASN A 266 -5.31 12.00 -7.07
N THR A 267 -4.65 12.07 -5.91
CA THR A 267 -5.02 11.28 -4.75
C THR A 267 -5.90 12.05 -3.77
N ASN A 268 -6.63 13.06 -4.26
CA ASN A 268 -7.42 13.89 -3.36
C ASN A 268 -8.46 13.06 -2.63
N TYR A 269 -8.77 13.47 -1.41
CA TYR A 269 -9.63 12.72 -0.52
C TYR A 269 -10.62 13.65 0.16
N THR A 270 -11.79 13.10 0.47
CA THR A 270 -12.75 13.75 1.36
C THR A 270 -13.39 12.79 2.35
N GLY A 271 -13.49 11.50 2.04
CA GLY A 271 -14.15 10.56 2.90
C GLY A 271 -15.66 10.69 2.88
N HIS A 272 -16.27 10.00 3.82
CA HIS A 272 -17.72 10.07 4.02
C HIS A 272 -18.03 11.06 5.13
N SER A 273 -19.32 11.37 5.28
CA SER A 273 -19.75 12.32 6.29
C SER A 273 -19.65 11.75 7.71
N SER A 274 -19.59 10.43 7.84
CA SER A 274 -19.48 9.79 9.15
C SER A 274 -18.87 8.41 8.96
N ALA A 275 -18.36 7.87 10.07
CA ALA A 275 -17.69 6.58 10.02
C ALA A 275 -18.67 5.49 9.59
N PRO A 276 -18.20 4.47 8.87
CA PRO A 276 -16.81 4.20 8.46
C PRO A 276 -16.33 5.03 7.29
N ASN A 277 -15.02 4.94 7.01
CA ASN A 277 -14.40 5.60 5.87
C ASN A 277 -14.59 7.11 5.91
N ASN A 278 -14.32 7.69 7.07
CA ASN A 278 -14.38 9.13 7.26
C ASN A 278 -12.97 9.64 7.57
N VAL A 279 -12.70 10.89 7.18
CA VAL A 279 -11.36 11.46 7.30
C VAL A 279 -10.87 11.51 8.74
N ASN A 280 -11.78 11.44 9.71
CA ASN A 280 -11.40 11.34 11.11
C ASN A 280 -11.68 9.98 11.73
N ALA A 281 -12.26 9.04 10.98
CA ALA A 281 -12.75 7.80 11.59
C ALA A 281 -12.94 6.76 10.48
N ILE A 282 -11.89 5.99 10.23
CA ILE A 282 -11.95 4.94 9.21
C ILE A 282 -12.82 3.80 9.68
N VAL A 283 -12.67 3.38 10.93
CA VAL A 283 -13.46 2.29 11.49
C VAL A 283 -14.67 2.86 12.20
N GLY A 284 -15.79 2.13 12.13
CA GLY A 284 -16.99 2.54 12.80
C GLY A 284 -16.85 2.58 14.31
N ASN A 285 -17.72 3.34 14.95
CA ASN A 285 -17.64 3.60 16.38
C ASN A 285 -18.39 2.56 17.20
N ARG A 286 -17.78 2.15 18.30
CA ARG A 286 -18.46 1.42 19.37
C ARG A 286 -18.63 2.35 20.56
N THR A 287 -19.47 1.92 21.51
CA THR A 287 -19.83 2.80 22.61
C THR A 287 -18.62 3.18 23.45
N ASN A 288 -17.75 2.22 23.75
CA ASN A 288 -16.52 2.48 24.47
C ASN A 288 -15.55 1.33 24.19
N ILE A 289 -14.31 1.49 24.65
CA ILE A 289 -13.27 0.49 24.44
C ILE A 289 -13.48 -0.75 25.30
N THR A 290 -14.61 -0.85 25.99
CA THR A 290 -14.94 -2.05 26.76
C THR A 290 -16.22 -2.70 26.26
N THR A 291 -16.66 -2.39 25.05
CA THR A 291 -17.93 -2.84 24.52
C THR A 291 -17.70 -3.77 23.33
N MET A 292 -18.08 -5.03 23.48
CA MET A 292 -18.26 -5.89 22.32
C MET A 292 -19.57 -5.55 21.62
N PRO A 293 -19.55 -5.25 20.34
CA PRO A 293 -20.80 -4.94 19.63
C PRO A 293 -21.59 -6.20 19.28
N ASN A 294 -20.88 -7.28 18.98
CA ASN A 294 -21.48 -8.58 18.68
C ASN A 294 -21.05 -9.53 19.78
N ASP A 295 -21.78 -9.53 20.88
CA ASP A 295 -21.45 -10.33 22.05
C ASP A 295 -22.48 -11.43 22.24
N ILE A 296 -22.00 -12.65 22.47
CA ILE A 296 -22.89 -13.78 22.74
C ILE A 296 -23.60 -13.54 24.06
N VAL A 297 -24.92 -13.60 24.06
CA VAL A 297 -25.71 -13.41 25.26
C VAL A 297 -25.96 -14.79 25.87
N THR A 298 -25.11 -15.16 26.83
CA THR A 298 -25.22 -16.45 27.49
C THR A 298 -26.10 -16.36 28.73
N SER B 1 24.83 -3.17 22.80
CA SER B 1 25.61 -3.46 21.61
C SER B 1 24.95 -2.88 20.38
N ASP B 2 23.65 -3.12 20.23
CA ASP B 2 22.87 -2.52 19.15
C ASP B 2 22.17 -1.24 19.59
N ARG B 3 22.43 -0.76 20.80
CA ARG B 3 21.87 0.50 21.25
C ARG B 3 22.79 1.68 21.02
N VAL B 4 24.08 1.43 20.79
CA VAL B 4 25.01 2.48 20.40
C VAL B 4 25.35 2.31 18.93
N LEU B 5 25.55 3.43 18.24
CA LEU B 5 25.76 3.39 16.81
C LEU B 5 26.51 4.64 16.39
N GLN B 6 27.56 4.47 15.59
CA GLN B 6 28.28 5.58 15.00
C GLN B 6 28.24 5.45 13.49
N LEU B 7 27.82 6.51 12.81
CA LEU B 7 27.78 6.57 11.36
C LEU B 7 28.80 7.59 10.88
N LYS B 8 29.66 7.19 9.94
CA LYS B 8 30.72 8.03 9.43
C LYS B 8 30.62 8.12 7.92
N LEU B 9 30.59 9.34 7.40
CA LEU B 9 30.47 9.57 5.96
C LEU B 9 31.25 10.82 5.60
N GLY B 10 32.34 10.67 4.86
CA GLY B 10 33.14 11.81 4.49
C GLY B 10 33.74 12.48 5.72
N ASN B 11 33.51 13.78 5.84
CA ASN B 11 34.03 14.55 6.96
C ASN B 11 33.02 14.72 8.08
N SER B 12 31.95 13.92 8.08
CA SER B 12 30.89 14.04 9.05
C SER B 12 30.67 12.70 9.75
N ALA B 13 30.35 12.76 11.05
CA ALA B 13 30.08 11.57 11.82
C ALA B 13 29.01 11.88 12.86
N ILE B 14 28.20 10.88 13.17
CA ILE B 14 27.13 10.99 14.15
C ILE B 14 27.19 9.79 15.07
N VAL B 15 27.11 10.03 16.37
CA VAL B 15 27.04 8.97 17.36
C VAL B 15 25.68 9.04 18.04
N THR B 16 25.23 7.89 18.55
CA THR B 16 24.04 7.81 19.37
C THR B 16 24.24 6.70 20.39
N GLN B 17 23.81 6.94 21.62
CA GLN B 17 23.98 5.98 22.69
C GLN B 17 22.69 5.29 23.07
N GLU B 18 21.57 5.66 22.47
CA GLU B 18 20.28 5.04 22.72
C GLU B 18 19.57 4.77 21.41
N ALA B 19 20.28 4.17 20.45
CA ALA B 19 19.65 3.73 19.23
C ALA B 19 18.85 2.46 19.48
N ALA B 20 17.87 2.22 18.61
CA ALA B 20 17.15 0.94 18.65
C ALA B 20 17.89 -0.09 17.80
N ASN B 21 17.98 0.17 16.50
CA ASN B 21 18.72 -0.63 15.55
C ASN B 21 19.00 0.26 14.36
N MET B 22 19.40 -0.33 13.25
CA MET B 22 19.46 0.38 11.98
C MET B 22 18.49 -0.29 11.02
N CYS B 23 17.71 0.51 10.32
CA CYS B 23 16.74 0.02 9.34
C CYS B 23 17.33 0.18 7.95
N CYS B 24 17.61 -0.93 7.29
CA CYS B 24 18.01 -0.93 5.89
C CYS B 24 16.79 -1.30 5.06
N ALA B 25 16.35 -0.38 4.21
CA ALA B 25 15.06 -0.52 3.55
C ALA B 25 15.04 -1.73 2.63
N TYR B 26 14.09 -2.64 2.88
CA TYR B 26 13.88 -3.82 2.05
C TYR B 26 15.12 -4.70 2.00
N GLY B 27 15.90 -4.71 3.07
CA GLY B 27 17.11 -5.51 3.11
C GLY B 27 18.10 -5.18 2.01
N GLU B 28 18.27 -3.90 1.71
CA GLU B 28 19.08 -3.48 0.58
C GLU B 28 20.11 -2.46 1.02
N TRP B 29 21.18 -2.34 0.23
CA TRP B 29 22.21 -1.36 0.47
C TRP B 29 22.41 -0.52 -0.79
N PRO B 30 22.58 0.80 -0.65
CA PRO B 30 22.89 1.64 -1.81
C PRO B 30 24.13 1.16 -2.57
N SER B 31 24.07 1.28 -3.90
CA SER B 31 25.23 1.01 -4.74
C SER B 31 25.14 1.82 -6.02
N TYR B 32 26.30 2.04 -6.64
CA TYR B 32 26.35 2.67 -7.97
C TYR B 32 25.64 1.86 -9.03
N LEU B 33 25.16 2.56 -10.05
CA LEU B 33 24.46 1.97 -11.19
C LEU B 33 25.40 1.07 -11.98
N PRO B 34 25.09 -0.22 -12.14
CA PRO B 34 25.93 -1.08 -12.97
C PRO B 34 25.78 -0.77 -14.45
N ASP B 35 26.81 -1.13 -15.22
CA ASP B 35 26.75 -0.96 -16.67
C ASP B 35 25.66 -1.80 -17.30
N ASN B 36 25.17 -2.83 -16.59
CA ASN B 36 24.14 -3.70 -17.13
C ASN B 36 22.81 -2.95 -17.26
N GLU B 37 22.57 -1.97 -16.40
CA GLU B 37 21.28 -1.29 -16.30
C GLU B 37 21.31 0.14 -16.81
N ALA B 38 22.48 0.69 -17.10
CA ALA B 38 22.60 2.10 -17.46
C ALA B 38 22.04 2.36 -18.85
N THR B 39 21.65 3.61 -19.08
CA THR B 39 21.12 4.04 -20.37
C THR B 39 21.82 5.27 -20.92
N ALA B 40 22.06 6.30 -20.10
CA ALA B 40 22.88 7.42 -20.52
C ALA B 40 24.32 6.99 -20.72
N ILE B 41 24.90 7.37 -21.87
CA ILE B 41 26.19 6.82 -22.27
C ILE B 41 27.37 7.68 -21.85
N ASP B 42 27.16 8.95 -21.51
CA ASP B 42 28.28 9.79 -21.11
C ASP B 42 28.81 9.32 -19.75
N LYS B 43 30.09 9.61 -19.51
CA LYS B 43 30.75 9.18 -18.30
C LYS B 43 30.21 9.93 -17.09
N PRO B 44 29.68 9.25 -16.08
CA PRO B 44 29.15 9.95 -14.92
C PRO B 44 30.25 10.55 -14.06
N THR B 45 29.90 11.61 -13.35
CA THR B 45 30.73 12.13 -12.28
C THR B 45 30.26 11.54 -10.96
N GLN B 46 31.21 11.13 -10.12
CA GLN B 46 30.92 10.47 -8.84
C GLN B 46 31.69 11.17 -7.73
N PRO B 47 31.28 12.36 -7.34
CA PRO B 47 31.89 12.99 -6.16
C PRO B 47 31.46 12.23 -4.91
N GLU B 48 32.44 11.80 -4.13
CA GLU B 48 32.18 10.88 -3.03
C GLU B 48 32.19 11.57 -1.67
N THR B 49 33.30 12.21 -1.31
CA THR B 49 33.38 12.82 0.00
C THR B 49 32.76 14.20 0.05
N SER B 50 32.45 14.81 -1.09
CA SER B 50 31.85 16.13 -1.12
C SER B 50 30.33 16.09 -1.19
N THR B 51 29.75 14.96 -1.57
CA THR B 51 28.32 14.80 -1.64
C THR B 51 27.78 13.78 -0.67
N ASP B 52 28.48 12.64 -0.49
CA ASP B 52 28.03 11.59 0.40
C ASP B 52 28.46 11.94 1.82
N ARG B 53 27.73 12.87 2.43
CA ARG B 53 27.98 13.27 3.80
C ARG B 53 26.69 13.85 4.37
N PHE B 54 26.62 13.87 5.70
CA PHE B 54 25.40 14.27 6.37
C PHE B 54 25.13 15.75 6.22
N TYR B 55 23.89 16.09 5.90
CA TYR B 55 23.40 17.46 5.88
C TYR B 55 22.31 17.58 6.94
N THR B 56 22.53 18.44 7.92
CA THR B 56 21.60 18.63 9.01
C THR B 56 20.66 19.79 8.71
N LEU B 57 19.37 19.49 8.56
CA LEU B 57 18.36 20.50 8.29
C LEU B 57 18.01 21.26 9.57
N LYS B 58 17.27 22.36 9.39
CA LYS B 58 16.68 23.05 10.53
C LYS B 58 15.81 22.12 11.36
N SER B 59 15.82 22.35 12.66
CA SER B 59 15.01 21.58 13.59
C SER B 59 13.57 22.10 13.62
N VAL B 60 12.66 21.18 13.95
CA VAL B 60 11.25 21.49 14.15
C VAL B 60 10.91 21.29 15.63
N LYS B 61 10.02 22.12 16.15
CA LYS B 61 9.67 22.08 17.57
C LYS B 61 8.46 21.17 17.76
N TRP B 62 8.63 20.16 18.61
CA TRP B 62 7.56 19.21 18.92
C TRP B 62 6.66 19.80 20.00
N GLU B 63 5.42 20.11 19.64
CA GLU B 63 4.44 20.66 20.57
C GLU B 63 3.37 19.62 20.83
N GLY B 64 2.44 19.96 21.72
CA GLY B 64 1.32 19.07 21.99
C GLY B 64 0.30 19.03 20.88
N THR B 65 0.25 20.04 20.02
CA THR B 65 -0.70 20.11 18.92
C THR B 65 -0.08 19.75 17.59
N SER B 66 1.17 19.28 17.58
CA SER B 66 1.85 18.97 16.33
C SER B 66 1.18 17.81 15.61
N THR B 67 0.95 17.97 14.31
CA THR B 67 0.36 16.93 13.48
C THR B 67 1.41 16.08 12.79
N GLY B 68 2.57 16.65 12.47
CA GLY B 68 3.64 15.91 11.84
C GLY B 68 4.32 16.67 10.72
N TRP B 69 5.44 16.13 10.23
CA TRP B 69 6.33 16.83 9.31
C TRP B 69 6.77 15.87 8.23
N TRP B 70 7.10 16.41 7.05
CA TRP B 70 7.68 15.59 6.00
C TRP B 70 8.68 16.41 5.20
N TRP B 71 9.67 15.71 4.64
CA TRP B 71 10.66 16.29 3.73
C TRP B 71 10.74 15.47 2.45
N LYS B 72 10.55 16.12 1.32
CA LYS B 72 10.81 15.48 0.03
C LYS B 72 12.31 15.32 -0.15
N LEU B 73 12.77 14.09 -0.35
CA LEU B 73 14.12 13.76 0.08
C LEU B 73 15.27 14.21 -0.81
N PRO B 74 15.16 14.22 -2.15
CA PRO B 74 16.12 15.01 -2.94
C PRO B 74 15.88 16.51 -2.83
N ASP B 75 14.62 16.91 -2.98
CA ASP B 75 14.24 18.32 -2.94
C ASP B 75 14.77 19.06 -1.72
N ALA B 76 14.78 18.39 -0.57
CA ALA B 76 15.32 18.96 0.66
C ALA B 76 16.81 19.28 0.57
N LEU B 77 17.55 18.65 -0.33
CA LEU B 77 18.99 18.89 -0.46
C LEU B 77 19.39 19.65 -1.71
N ASN B 78 18.49 19.85 -2.66
CA ASN B 78 18.85 20.47 -3.94
C ASN B 78 19.51 21.83 -3.78
N GLN B 79 19.24 22.56 -2.70
CA GLN B 79 19.87 23.85 -2.44
C GLN B 79 21.05 23.77 -1.48
N THR B 80 21.54 22.58 -1.15
CA THR B 80 22.50 22.40 -0.07
C THR B 80 23.79 21.78 -0.58
N GLY B 81 24.90 22.47 -0.36
CA GLY B 81 26.27 22.01 -0.55
C GLY B 81 26.64 21.59 -1.96
N MET B 82 27.69 20.77 -2.03
CA MET B 82 28.17 20.26 -3.31
C MET B 82 27.16 19.33 -3.96
N PHE B 83 26.34 18.65 -3.17
CA PHE B 83 25.23 17.88 -3.73
C PHE B 83 24.29 18.77 -4.51
N GLY B 84 23.84 19.86 -3.90
CA GLY B 84 23.00 20.81 -4.59
C GLY B 84 23.62 21.39 -5.85
N GLN B 85 24.91 21.76 -5.77
CA GLN B 85 25.58 22.29 -6.96
C GLN B 85 25.65 21.27 -8.09
N ASN B 86 26.00 20.02 -7.78
CA ASN B 86 25.98 18.98 -8.79
C ASN B 86 24.58 18.75 -9.35
N VAL B 87 23.57 18.74 -8.47
CA VAL B 87 22.17 18.68 -8.91
C VAL B 87 21.85 19.82 -9.87
N GLN B 88 22.36 21.01 -9.62
CA GLN B 88 22.02 22.16 -10.47
C GLN B 88 22.73 22.09 -11.82
N TYR B 89 23.98 21.67 -11.85
CA TYR B 89 24.73 21.62 -13.09
C TYR B 89 24.46 20.38 -13.94
N HIS B 90 23.84 19.34 -13.40
CA HIS B 90 23.60 18.12 -14.15
C HIS B 90 22.12 17.89 -14.37
N TYR B 91 21.80 17.40 -15.57
CA TYR B 91 20.45 16.97 -15.91
C TYR B 91 20.02 15.76 -15.10
N LEU B 92 20.88 14.77 -14.97
CA LEU B 92 20.51 13.50 -14.34
C LEU B 92 21.22 13.28 -13.01
N TYR B 93 20.47 12.70 -12.08
CA TYR B 93 20.91 12.39 -10.72
C TYR B 93 20.57 10.94 -10.36
N ARG B 94 21.37 10.37 -9.45
CA ARG B 94 21.02 9.12 -8.80
C ARG B 94 21.72 9.09 -7.44
N SER B 95 21.00 8.67 -6.40
CA SER B 95 21.63 8.33 -5.12
C SER B 95 20.67 7.52 -4.27
N GLY B 96 21.23 6.83 -3.28
CA GLY B 96 20.49 6.50 -2.08
C GLY B 96 20.52 7.62 -1.06
N PHE B 97 20.00 7.32 0.13
CA PHE B 97 20.09 8.22 1.27
C PHE B 97 20.25 7.43 2.54
N LEU B 98 20.88 8.05 3.55
CA LEU B 98 20.92 7.53 4.91
C LEU B 98 20.30 8.59 5.80
N CYS B 99 19.10 8.32 6.32
CA CYS B 99 18.34 9.29 7.09
C CYS B 99 18.45 8.99 8.57
N HIS B 100 18.97 9.96 9.34
CA HIS B 100 19.09 9.86 10.78
C HIS B 100 18.24 10.96 11.43
N VAL B 101 17.41 10.57 12.38
CA VAL B 101 16.48 11.48 13.05
C VAL B 101 16.82 11.54 14.53
N GLN B 102 16.99 12.74 15.06
CA GLN B 102 17.41 12.95 16.44
C GLN B 102 16.31 13.63 17.22
N CYS B 103 15.96 13.06 18.37
CA CYS B 103 15.01 13.68 19.29
C CYS B 103 15.26 13.10 20.67
N ASN B 104 15.85 13.87 21.57
CA ASN B 104 16.20 13.41 22.90
C ASN B 104 15.35 14.13 23.93
N ALA B 105 15.07 13.45 25.04
CA ALA B 105 14.27 13.98 26.14
C ALA B 105 14.78 13.35 27.42
N THR B 106 14.00 13.46 28.49
CA THR B 106 14.37 12.89 29.78
C THR B 106 13.59 11.61 30.05
N LYS B 107 13.78 11.04 31.23
CA LYS B 107 13.06 9.86 31.64
C LYS B 107 11.66 10.17 32.15
N PHE B 108 11.30 11.44 32.30
CA PHE B 108 9.95 11.82 32.68
C PHE B 108 9.12 12.29 31.50
N HIS B 109 9.75 12.65 30.38
CA HIS B 109 9.03 12.93 29.17
C HIS B 109 8.49 11.64 28.55
N GLN B 110 7.45 11.78 27.75
CA GLN B 110 6.88 10.62 27.06
C GLN B 110 6.32 11.08 25.73
N GLY B 111 6.17 10.12 24.82
CA GLY B 111 5.71 10.38 23.48
C GLY B 111 6.40 9.44 22.52
N ALA B 112 5.78 9.23 21.37
CA ALA B 112 6.33 8.36 20.35
C ALA B 112 6.21 9.03 18.99
N LEU B 113 7.26 8.88 18.18
CA LEU B 113 7.28 9.39 16.81
C LEU B 113 7.41 8.22 15.86
N LEU B 114 6.64 8.24 14.78
CA LEU B 114 6.80 7.30 13.69
C LEU B 114 7.66 7.96 12.62
N VAL B 115 8.88 7.48 12.46
CA VAL B 115 9.78 7.92 11.40
C VAL B 115 9.63 6.94 10.26
N VAL B 116 8.92 7.33 9.21
CA VAL B 116 8.60 6.46 8.09
C VAL B 116 9.04 7.12 6.79
N ALA B 117 9.72 6.35 5.94
CA ALA B 117 10.12 6.81 4.61
C ALA B 117 9.17 6.24 3.57
N ILE B 118 8.44 7.13 2.89
CA ILE B 118 7.39 6.73 1.95
C ILE B 118 7.92 6.90 0.53
N PRO B 119 8.00 5.83 -0.27
CA PRO B 119 8.45 5.98 -1.65
C PRO B 119 7.32 6.48 -2.54
N GLU B 120 7.58 7.53 -3.31
CA GLU B 120 6.63 8.11 -4.25
C GLU B 120 5.35 8.52 -3.56
N HIS B 121 5.50 9.31 -2.49
CA HIS B 121 4.36 9.87 -1.77
C HIS B 121 3.70 10.98 -2.58
N GLN B 122 2.90 10.59 -3.56
CA GLN B 122 2.09 11.56 -4.28
C GLN B 122 1.08 12.22 -3.34
N LEU B 123 1.30 13.49 -3.04
CA LEU B 123 0.49 14.22 -2.07
C LEU B 123 -0.92 14.50 -2.58
N GLY B 124 -1.91 14.24 -1.73
CA GLY B 124 -3.28 14.60 -2.02
C GLY B 124 -3.71 15.88 -1.29
N LYS B 125 -4.83 16.43 -1.74
CA LYS B 125 -5.45 17.57 -1.07
C LYS B 125 -6.83 17.19 -0.54
N TYR B 126 -7.17 17.74 0.63
CA TYR B 126 -8.47 17.50 1.23
C TYR B 126 -9.55 18.39 0.64
N ASN B 127 -10.70 17.77 0.32
CA ASN B 127 -11.93 18.48 -0.01
C ASN B 127 -11.75 19.46 -1.17
N THR B 128 -11.07 18.99 -2.21
CA THR B 128 -10.95 19.79 -3.43
C THR B 128 -10.65 18.85 -4.59
N GLY B 129 -10.99 19.30 -5.79
CA GLY B 129 -10.76 18.50 -6.97
C GLY B 129 -9.45 18.85 -7.65
N THR B 130 -9.01 20.10 -7.51
CA THR B 130 -7.77 20.53 -8.13
C THR B 130 -6.58 19.91 -7.42
N SER B 131 -5.55 19.57 -8.18
CA SER B 131 -4.38 18.91 -7.62
C SER B 131 -3.53 19.90 -6.83
N ALA B 132 -2.58 19.36 -6.08
CA ALA B 132 -1.67 20.19 -5.31
C ALA B 132 -0.83 21.06 -6.24
N SER B 133 -0.54 22.28 -5.80
CA SER B 133 0.26 23.19 -6.61
C SER B 133 1.74 22.89 -6.41
N PHE B 134 2.57 23.60 -7.18
CA PHE B 134 4.01 23.43 -7.07
C PHE B 134 4.50 23.82 -5.67
N ASP B 135 3.96 24.90 -5.12
CA ASP B 135 4.38 25.34 -3.79
C ASP B 135 4.00 24.33 -2.72
N ASP B 136 2.82 23.73 -2.82
CA ASP B 136 2.35 22.79 -1.80
C ASP B 136 3.28 21.61 -1.63
N VAL B 137 4.02 21.22 -2.67
CA VAL B 137 4.83 20.02 -2.65
C VAL B 137 6.33 20.34 -2.65
N MET B 138 6.75 21.37 -3.37
CA MET B 138 8.17 21.72 -3.46
C MET B 138 8.54 22.71 -2.36
N LYS B 139 8.51 22.21 -1.13
CA LYS B 139 8.75 23.00 0.06
C LYS B 139 10.23 23.18 0.36
N GLY B 140 11.10 22.44 -0.33
CA GLY B 140 12.54 22.49 -0.13
C GLY B 140 12.97 21.97 1.23
N LYS B 141 14.13 22.46 1.67
CA LYS B 141 14.70 22.04 2.96
C LYS B 141 13.78 22.32 4.14
N THR B 142 12.84 23.26 4.01
CA THR B 142 11.91 23.54 5.09
C THR B 142 10.96 22.39 5.35
N GLY B 143 10.65 21.61 4.32
CA GLY B 143 9.63 20.58 4.42
C GLY B 143 8.23 21.15 4.60
N GLY B 144 7.28 20.23 4.71
CA GLY B 144 5.90 20.55 5.00
C GLY B 144 5.42 19.93 6.31
N VAL B 145 4.18 20.24 6.64
CA VAL B 145 3.50 19.65 7.78
C VAL B 145 2.26 18.93 7.27
N PHE B 146 1.93 17.81 7.90
CA PHE B 146 0.73 17.07 7.55
C PHE B 146 -0.55 17.80 7.95
N THR B 147 -1.51 17.81 7.03
CA THR B 147 -2.85 18.33 7.32
C THR B 147 -3.69 17.27 8.01
N HIS B 148 -3.66 16.05 7.48
CA HIS B 148 -4.41 14.92 8.01
C HIS B 148 -3.50 13.71 8.06
N PRO B 149 -2.58 13.67 9.03
CA PRO B 149 -1.57 12.60 9.07
C PRO B 149 -2.19 11.22 9.15
N TYR B 150 -3.37 11.13 9.75
CA TYR B 150 -4.14 9.90 9.89
C TYR B 150 -4.48 9.26 8.55
N VAL B 151 -4.52 10.01 7.45
CA VAL B 151 -4.63 9.43 6.13
C VAL B 151 -3.38 9.68 5.28
N LEU B 152 -2.26 9.99 5.93
CA LEU B 152 -0.99 10.36 5.29
C LEU B 152 -1.13 11.47 4.24
N ASP B 153 -2.11 12.35 4.38
CA ASP B 153 -2.47 13.31 3.33
C ASP B 153 -2.60 12.65 1.95
N ASP B 154 -3.10 11.44 1.93
CA ASP B 154 -3.07 10.65 0.71
C ASP B 154 -4.29 9.76 0.55
N GLY B 155 -5.27 9.84 1.45
CA GLY B 155 -6.43 8.99 1.43
C GLY B 155 -6.14 7.53 1.70
N THR B 156 -4.93 7.21 2.14
CA THR B 156 -4.60 5.86 2.56
C THR B 156 -4.87 5.73 4.06
N SER B 157 -3.91 5.20 4.82
CA SER B 157 -4.03 5.23 6.26
C SER B 157 -2.65 5.27 6.89
N LEU B 158 -2.57 5.91 8.05
CA LEU B 158 -1.35 5.87 8.86
C LEU B 158 -1.12 4.47 9.42
N ALA B 159 -2.19 3.78 9.81
CA ALA B 159 -2.09 2.48 10.46
C ALA B 159 -1.34 1.48 9.59
N CYS B 160 -1.60 1.47 8.29
CA CYS B 160 -0.91 0.57 7.37
C CYS B 160 0.45 1.08 6.92
N SER B 161 0.83 2.32 7.23
CA SER B 161 2.07 2.87 6.73
C SER B 161 3.30 2.13 7.25
N LEU B 162 3.15 1.30 8.27
CA LEU B 162 4.21 0.41 8.74
C LEU B 162 4.65 -0.62 7.73
N ILE B 163 3.95 -0.76 6.60
CA ILE B 163 4.48 -1.53 5.47
C ILE B 163 5.71 -0.85 4.88
N PHE B 164 5.78 0.48 4.93
CA PHE B 164 6.97 1.17 4.47
C PHE B 164 8.12 1.03 5.46
N PRO B 165 9.36 1.21 5.02
CA PRO B 165 10.48 1.23 5.97
C PRO B 165 10.29 2.31 7.01
N HIS B 166 10.47 1.95 8.27
CA HIS B 166 10.16 2.86 9.35
C HIS B 166 10.94 2.47 10.59
N GLN B 167 10.97 3.41 11.54
CA GLN B 167 11.47 3.18 12.88
C GLN B 167 10.63 4.06 13.81
N TRP B 168 10.63 3.72 15.09
CA TRP B 168 10.00 4.56 16.09
C TRP B 168 11.05 5.22 16.97
N ILE B 169 10.67 6.35 17.56
CA ILE B 169 11.45 6.99 18.61
C ILE B 169 10.53 7.05 19.83
N ASN B 170 10.63 6.04 20.68
CA ASN B 170 9.89 6.00 21.93
C ASN B 170 10.76 6.61 23.02
N LEU B 171 10.29 7.71 23.62
CA LEU B 171 11.14 8.48 24.51
C LEU B 171 11.61 7.69 25.72
N ARG B 172 10.88 6.65 26.12
CA ARG B 172 11.31 5.84 27.24
C ARG B 172 12.41 4.86 26.87
N THR B 173 12.64 4.62 25.58
CA THR B 173 13.64 3.65 25.16
C THR B 173 14.76 4.26 24.32
N ASN B 174 14.43 4.97 23.24
CA ASN B 174 15.43 5.41 22.29
C ASN B 174 15.21 6.88 21.94
N ASN B 175 16.28 7.55 21.52
CA ASN B 175 16.21 8.95 21.15
C ASN B 175 16.64 9.22 19.72
N SER B 176 16.80 8.19 18.90
CA SER B 176 17.18 8.39 17.52
C SER B 176 16.63 7.27 16.66
N ALA B 177 16.49 7.56 15.36
CA ALA B 177 16.05 6.60 14.37
C ALA B 177 16.89 6.78 13.12
N THR B 178 17.31 5.67 12.52
CA THR B 178 18.13 5.69 11.32
C THR B 178 17.56 4.74 10.28
N ILE B 179 17.33 5.26 9.07
CA ILE B 179 16.82 4.47 7.96
C ILE B 179 17.73 4.71 6.76
N MET B 180 18.13 3.63 6.09
CA MET B 180 18.97 3.73 4.91
C MET B 180 18.16 3.34 3.68
N LEU B 181 18.10 4.24 2.71
CA LEU B 181 17.21 4.11 1.57
C LEU B 181 18.01 3.87 0.31
N PRO B 182 17.79 2.77 -0.42
CA PRO B 182 18.40 2.63 -1.74
C PRO B 182 17.74 3.51 -2.79
N TRP B 183 18.24 3.44 -4.03
CA TRP B 183 17.55 4.05 -5.16
C TRP B 183 16.19 3.39 -5.38
N MET B 184 15.12 4.19 -5.28
CA MET B 184 13.79 3.78 -5.71
C MET B 184 13.39 4.52 -6.98
N ASN B 185 13.35 3.79 -8.10
CA ASN B 185 12.81 4.36 -9.32
C ASN B 185 12.63 3.25 -10.34
N CYS B 186 11.70 3.47 -11.29
CA CYS B 186 11.65 2.62 -12.47
C CYS B 186 12.84 2.86 -13.38
N ALA B 187 13.21 4.14 -13.52
CA ALA B 187 14.29 4.55 -14.40
C ALA B 187 15.66 4.38 -13.73
N PRO B 188 16.71 4.24 -14.54
CA PRO B 188 18.07 4.20 -13.98
C PRO B 188 18.48 5.50 -13.29
N MET B 189 17.99 6.65 -13.74
CA MET B 189 18.34 7.95 -13.21
C MET B 189 17.14 8.87 -13.41
N ASP B 190 17.19 10.06 -12.81
CA ASP B 190 16.08 10.99 -12.95
C ASP B 190 16.54 12.43 -12.84
N PHE B 191 15.68 13.33 -13.31
CA PHE B 191 15.84 14.78 -13.20
C PHE B 191 15.45 15.22 -11.78
N ALA B 192 16.46 15.47 -10.95
CA ALA B 192 16.28 15.72 -9.52
C ALA B 192 15.37 16.91 -9.21
N LEU B 193 15.14 17.81 -10.15
CA LEU B 193 14.37 19.02 -9.87
C LEU B 193 12.88 18.88 -10.16
N ARG B 194 12.41 17.74 -10.66
CA ARG B 194 10.99 17.59 -10.96
C ARG B 194 10.43 16.24 -10.53
N HIS B 195 11.13 15.48 -9.70
CA HIS B 195 10.59 14.22 -9.20
C HIS B 195 11.31 13.84 -7.91
N ASN B 196 10.54 13.46 -6.90
CA ASN B 196 11.08 13.06 -5.60
C ASN B 196 10.89 11.56 -5.41
N GLN B 197 11.98 10.85 -5.12
CA GLN B 197 11.90 9.41 -4.93
C GLN B 197 11.38 9.04 -3.55
N TRP B 198 11.72 9.81 -2.52
CA TRP B 198 11.38 9.48 -1.14
C TRP B 198 10.76 10.69 -0.45
N THR B 199 9.88 10.40 0.52
CA THR B 199 9.45 11.38 1.51
C THR B 199 9.74 10.84 2.90
N LEU B 200 10.55 11.54 3.65
CA LEU B 200 10.78 11.23 5.07
C LEU B 200 9.71 11.91 5.90
N ALA B 201 8.88 11.12 6.56
CA ALA B 201 7.76 11.63 7.36
C ALA B 201 7.99 11.38 8.84
N ILE B 202 7.75 12.38 9.67
CA ILE B 202 7.87 12.30 11.12
C ILE B 202 6.48 12.60 11.67
N ILE B 203 5.85 11.60 12.31
CA ILE B 203 4.49 11.72 12.78
C ILE B 203 4.40 11.38 14.27
N PRO B 204 3.95 12.30 15.12
CA PRO B 204 3.75 12.04 16.57
C PRO B 204 2.47 11.26 16.86
N VAL B 205 2.58 9.93 16.77
CA VAL B 205 1.43 9.07 17.00
C VAL B 205 0.98 9.10 18.45
N VAL B 206 1.93 9.13 19.38
CA VAL B 206 1.63 9.34 20.80
C VAL B 206 2.10 10.74 21.18
N PRO B 207 1.21 11.61 21.67
CA PRO B 207 1.54 13.02 21.81
C PRO B 207 2.54 13.26 22.94
N LEU B 208 3.37 14.27 22.76
CA LEU B 208 4.41 14.57 23.73
C LEU B 208 3.81 15.09 25.03
N ASN B 209 4.36 14.63 26.15
CA ASN B 209 3.98 15.08 27.48
C ASN B 209 5.25 15.48 28.22
N THR B 210 5.39 16.78 28.48
CA THR B 210 6.60 17.28 29.12
C THR B 210 6.63 16.94 30.61
N SER B 211 5.50 17.07 31.29
CA SER B 211 5.37 16.75 32.71
C SER B 211 6.32 17.59 33.57
N GLY B 212 6.31 18.89 33.32
CA GLY B 212 7.05 19.83 34.14
C GLY B 212 8.49 20.06 33.76
N GLY B 213 9.06 19.23 32.89
CA GLY B 213 10.43 19.37 32.48
C GLY B 213 10.59 20.42 31.40
N THR B 214 11.70 20.31 30.67
CA THR B 214 11.96 21.22 29.56
C THR B 214 10.86 21.08 28.52
N THR B 215 10.33 22.22 28.06
CA THR B 215 9.21 22.23 27.12
C THR B 215 9.66 22.23 25.66
N MET B 216 10.73 22.96 25.33
CA MET B 216 11.20 23.05 23.96
C MET B 216 11.93 21.76 23.59
N VAL B 217 11.20 20.83 22.97
CA VAL B 217 11.77 19.56 22.54
C VAL B 217 11.86 19.56 21.02
N PRO B 218 13.04 19.77 20.45
CA PRO B 218 13.16 19.80 18.99
C PRO B 218 13.53 18.45 18.38
N ILE B 219 13.03 18.26 17.15
CA ILE B 219 13.35 17.10 16.33
C ILE B 219 14.29 17.56 15.22
N THR B 220 15.40 16.84 15.05
CA THR B 220 16.41 17.22 14.06
C THR B 220 16.64 16.08 13.07
N VAL B 221 16.73 16.42 11.79
CA VAL B 221 16.89 15.46 10.71
C VAL B 221 18.24 15.69 10.04
N SER B 222 19.05 14.64 9.96
CA SER B 222 20.29 14.64 9.21
C SER B 222 20.23 13.58 8.13
N ILE B 223 20.51 13.96 6.89
CA ILE B 223 20.42 13.07 5.73
C ILE B 223 21.76 13.09 5.02
N ALA B 224 22.28 11.90 4.70
CA ALA B 224 23.44 11.82 3.83
C ALA B 224 23.05 11.14 2.53
N PRO B 225 23.21 11.80 1.39
CA PRO B 225 23.18 11.10 0.10
C PRO B 225 24.17 9.94 0.06
N MET B 226 23.78 8.87 -0.63
CA MET B 226 24.61 7.68 -0.75
C MET B 226 24.88 7.34 -2.20
N CYS B 227 26.14 7.13 -2.54
CA CYS B 227 26.58 6.75 -3.89
C CYS B 227 26.04 7.68 -4.98
N CYS B 228 26.22 8.97 -4.78
CA CYS B 228 25.75 9.96 -5.76
C CYS B 228 26.49 9.81 -7.08
N GLU B 229 25.76 9.92 -8.18
CA GLU B 229 26.38 10.13 -9.48
C GLU B 229 25.46 10.96 -10.36
N PHE B 230 26.07 11.69 -11.30
CA PHE B 230 25.39 12.68 -12.12
C PHE B 230 25.82 12.57 -13.58
N ASN B 231 24.89 12.87 -14.47
CA ASN B 231 25.09 12.76 -15.91
C ASN B 231 24.48 13.97 -16.59
N GLY B 232 24.91 14.23 -17.82
CA GLY B 232 24.39 15.34 -18.60
C GLY B 232 24.76 16.70 -18.05
N LEU B 233 26.07 16.93 -17.89
CA LEU B 233 26.58 18.22 -17.49
C LEU B 233 26.21 19.31 -18.50
N ARG B 234 25.80 20.46 -17.98
CA ARG B 234 25.44 21.63 -18.77
C ARG B 234 25.61 22.86 -17.89
N ASN B 235 24.95 23.95 -18.24
CA ASN B 235 24.94 25.12 -17.36
C ASN B 235 24.03 24.88 -16.16
N ALA B 236 24.22 25.70 -15.13
CA ALA B 236 23.46 25.58 -13.91
C ALA B 236 22.10 26.24 -14.06
N ILE B 237 21.04 25.52 -13.69
CA ILE B 237 19.70 26.07 -13.62
C ILE B 237 19.12 25.71 -12.26
N THR B 238 18.36 26.65 -11.69
CA THR B 238 17.88 26.49 -10.32
C THR B 238 16.37 26.22 -10.26
N GLY C 1 -9.89 -32.20 -43.35
CA GLY C 1 -10.19 -31.45 -42.14
C GLY C 1 -10.36 -32.34 -40.92
N VAL C 2 -10.37 -31.72 -39.76
CA VAL C 2 -10.50 -32.41 -38.48
C VAL C 2 -11.96 -32.36 -38.06
N PRO C 3 -12.64 -33.49 -37.87
CA PRO C 3 -14.03 -33.44 -37.40
C PRO C 3 -14.10 -33.02 -35.94
N THR C 4 -14.82 -31.94 -35.66
CA THR C 4 -14.90 -31.37 -34.33
C THR C 4 -16.35 -31.07 -33.97
N TYR C 5 -16.56 -30.71 -32.71
CA TYR C 5 -17.84 -30.23 -32.24
C TYR C 5 -17.59 -29.27 -31.08
N LEU C 6 -18.59 -28.45 -30.77
CA LEU C 6 -18.46 -27.41 -29.78
C LEU C 6 -19.13 -27.81 -28.47
N LEU C 7 -18.39 -27.66 -27.37
CA LEU C 7 -18.88 -27.94 -26.03
C LEU C 7 -19.69 -26.77 -25.48
N PRO C 8 -20.58 -27.03 -24.53
CA PRO C 8 -21.14 -25.94 -23.72
C PRO C 8 -20.05 -25.06 -23.09
N GLY C 9 -20.34 -23.77 -23.01
CA GLY C 9 -19.35 -22.80 -22.58
C GLY C 9 -18.42 -22.31 -23.66
N SER C 10 -18.59 -22.75 -24.90
CA SER C 10 -17.94 -22.10 -26.03
C SER C 10 -18.43 -20.66 -26.18
N SER C 11 -17.54 -19.81 -26.68
CA SER C 11 -17.77 -18.38 -26.88
C SER C 11 -18.01 -17.59 -25.59
N GLN C 12 -18.00 -18.22 -24.43
CA GLN C 12 -18.14 -17.45 -23.21
C GLN C 12 -16.86 -16.66 -22.95
N PHE C 13 -17.01 -15.48 -22.37
CA PHE C 13 -15.92 -14.77 -21.73
C PHE C 13 -16.04 -14.90 -20.22
N MET C 14 -15.11 -15.65 -19.62
CA MET C 14 -15.05 -15.82 -18.18
C MET C 14 -13.84 -15.04 -17.66
N THR C 15 -14.09 -14.15 -16.70
CA THR C 15 -13.06 -13.21 -16.30
C THR C 15 -11.88 -13.88 -15.61
N THR C 16 -11.93 -15.18 -15.36
CA THR C 16 -10.85 -15.91 -14.71
C THR C 16 -10.18 -16.92 -15.64
N ASP C 17 -10.53 -16.91 -16.92
CA ASP C 17 -9.94 -17.82 -17.89
C ASP C 17 -8.44 -17.52 -18.05
N ASP C 18 -7.70 -18.52 -18.53
CA ASP C 18 -6.25 -18.38 -18.68
C ASP C 18 -5.79 -19.00 -20.00
N HIS C 19 -5.76 -18.17 -21.05
CA HIS C 19 -5.34 -18.60 -22.38
C HIS C 19 -4.38 -17.58 -22.96
N SER C 20 -3.62 -18.01 -23.97
CA SER C 20 -2.90 -17.09 -24.84
C SER C 20 -3.87 -16.28 -25.69
N SER C 21 -3.42 -15.11 -26.13
CA SER C 21 -4.22 -14.27 -27.00
C SER C 21 -3.33 -13.44 -27.91
N ALA C 22 -3.90 -13.04 -29.04
CA ALA C 22 -3.11 -12.56 -30.16
C ALA C 22 -2.27 -11.34 -29.80
N PRO C 23 -0.97 -11.34 -30.09
CA PRO C 23 -0.14 -10.17 -29.81
C PRO C 23 -0.47 -9.02 -30.75
N ALA C 24 -0.84 -7.88 -30.17
CA ALA C 24 -1.23 -6.73 -30.97
C ALA C 24 -0.05 -5.99 -31.58
N PHE C 25 1.08 -5.92 -30.88
CA PHE C 25 2.31 -5.32 -31.41
C PHE C 25 3.32 -6.43 -31.69
N PRO C 26 3.34 -6.99 -32.89
CA PRO C 26 4.28 -8.08 -33.18
C PRO C 26 5.72 -7.59 -33.21
N ASP C 27 6.62 -8.44 -32.71
CA ASP C 27 8.05 -8.15 -32.59
C ASP C 27 8.34 -6.93 -31.71
N PHE C 28 7.44 -6.61 -30.80
CA PHE C 28 7.71 -5.55 -29.83
C PHE C 28 8.76 -6.01 -28.83
N SER C 29 9.68 -5.12 -28.50
CA SER C 29 10.76 -5.42 -27.57
C SER C 29 10.59 -4.63 -26.28
N PRO C 30 10.13 -5.26 -25.21
CA PRO C 30 9.92 -4.53 -23.96
C PRO C 30 11.22 -4.04 -23.33
N THR C 31 11.09 -2.97 -22.57
CA THR C 31 12.23 -2.38 -21.88
C THR C 31 12.87 -3.41 -20.95
N PRO C 32 14.19 -3.57 -20.96
CA PRO C 32 14.82 -4.55 -20.07
C PRO C 32 14.56 -4.22 -18.61
N GLU C 33 14.35 -5.26 -17.82
CA GLU C 33 14.06 -5.08 -16.39
C GLU C 33 15.32 -4.72 -15.62
N ILE C 34 15.22 -3.70 -14.80
CA ILE C 34 16.25 -3.34 -13.85
C ILE C 34 15.85 -3.86 -12.48
N HIS C 35 16.79 -3.87 -11.55
CA HIS C 35 16.50 -4.29 -10.19
C HIS C 35 15.78 -3.17 -9.45
N ILE C 36 14.62 -3.49 -8.90
CA ILE C 36 13.85 -2.56 -8.07
C ILE C 36 13.64 -3.22 -6.71
N PRO C 37 13.96 -2.55 -5.61
CA PRO C 37 13.83 -3.19 -4.30
C PRO C 37 12.37 -3.44 -3.93
N GLY C 38 12.17 -4.47 -3.11
CA GLY C 38 10.86 -4.73 -2.54
C GLY C 38 9.92 -5.54 -3.40
N ARG C 39 10.43 -6.56 -4.09
CA ARG C 39 9.59 -7.40 -4.91
C ARG C 39 8.66 -8.25 -4.04
N VAL C 40 7.39 -8.31 -4.43
CA VAL C 40 6.39 -9.11 -3.74
C VAL C 40 6.01 -10.28 -4.63
N HIS C 41 6.16 -11.49 -4.11
CA HIS C 41 5.74 -12.69 -4.84
C HIS C 41 4.39 -13.22 -4.37
N ASN C 42 4.08 -13.07 -3.10
CA ASN C 42 2.85 -13.59 -2.52
C ASN C 42 2.25 -12.53 -1.62
N MET C 43 0.92 -12.51 -1.53
CA MET C 43 0.24 -11.59 -0.63
C MET C 43 0.33 -12.01 0.84
N LEU C 44 0.60 -13.28 1.13
CA LEU C 44 0.86 -13.70 2.50
C LEU C 44 2.16 -13.14 3.06
N GLU C 45 3.05 -12.62 2.21
CA GLU C 45 4.18 -11.86 2.74
C GLU C 45 3.74 -10.57 3.42
N LEU C 46 2.65 -9.97 2.94
CA LEU C 46 2.23 -8.66 3.43
C LEU C 46 1.44 -8.74 4.73
N VAL C 47 0.49 -9.68 4.82
CA VAL C 47 -0.31 -9.82 6.02
C VAL C 47 0.51 -10.21 7.23
N GLN C 48 1.73 -10.72 7.02
CA GLN C 48 2.66 -10.99 8.11
C GLN C 48 3.32 -9.74 8.67
N VAL C 49 3.09 -8.57 8.09
CA VAL C 49 3.61 -7.31 8.62
C VAL C 49 2.57 -6.68 9.53
N GLU C 50 3.01 -6.28 10.73
CA GLU C 50 2.13 -5.68 11.72
C GLU C 50 1.67 -4.28 11.31
N SER C 51 0.51 -3.87 11.83
CA SER C 51 -0.08 -2.57 11.57
C SER C 51 -0.92 -2.18 12.76
N MET C 52 -1.07 -0.87 12.98
CA MET C 52 -1.80 -0.39 14.14
C MET C 52 -3.28 -0.74 14.07
N MET C 53 -3.85 -1.00 15.25
CA MET C 53 -5.27 -1.28 15.42
C MET C 53 -5.98 -0.04 15.95
N GLU C 54 -7.12 0.30 15.37
CA GLU C 54 -8.00 1.31 15.96
C GLU C 54 -8.76 0.72 17.15
N ILE C 55 -8.02 0.48 18.23
CA ILE C 55 -8.65 -0.01 19.45
C ILE C 55 -9.58 1.03 20.04
N ASN C 56 -9.20 2.31 19.96
CA ASN C 56 -9.99 3.41 20.50
C ASN C 56 -10.94 3.98 19.44
N ASN C 57 -11.70 3.11 18.79
CA ASN C 57 -12.65 3.51 17.76
C ASN C 57 -13.98 3.90 18.41
N VAL C 58 -13.98 5.08 19.04
CA VAL C 58 -15.14 5.60 19.74
C VAL C 58 -15.43 7.02 19.27
N ALA C 59 -16.65 7.46 19.51
CA ALA C 59 -17.02 8.82 19.21
C ALA C 59 -16.26 9.79 20.11
N GLY C 60 -15.77 10.87 19.52
CA GLY C 60 -14.96 11.82 20.26
C GLY C 60 -13.50 11.67 19.91
N SER C 61 -13.08 10.43 19.68
CA SER C 61 -11.73 10.14 19.23
C SER C 61 -11.65 10.39 17.73
N SER C 62 -10.83 11.35 17.33
CA SER C 62 -10.68 11.74 15.93
C SER C 62 -9.25 11.54 15.49
N GLY C 63 -9.09 11.03 14.27
CA GLY C 63 -7.77 10.87 13.69
C GLY C 63 -6.87 9.96 14.51
N MET C 64 -5.66 10.43 14.80
CA MET C 64 -4.68 9.63 15.50
C MET C 64 -5.09 9.23 16.90
N GLU C 65 -6.05 9.94 17.51
CA GLU C 65 -6.54 9.55 18.83
C GLU C 65 -7.05 8.12 18.84
N ARG C 66 -7.52 7.63 17.69
CA ARG C 66 -8.10 6.29 17.61
C ARG C 66 -7.04 5.21 17.66
N LEU C 67 -5.80 5.52 17.30
CA LEU C 67 -4.75 4.52 17.19
C LEU C 67 -4.08 4.21 18.52
N ARG C 68 -4.36 4.99 19.56
CA ARG C 68 -3.70 4.85 20.86
C ARG C 68 -4.73 4.66 21.95
N VAL C 69 -4.40 3.84 22.94
CA VAL C 69 -5.23 3.59 24.11
C VAL C 69 -4.58 4.22 25.33
N GLU C 70 -5.34 5.06 26.03
CA GLU C 70 -4.87 5.64 27.29
C GLU C 70 -4.93 4.60 28.41
N ILE C 71 -3.78 4.38 29.05
CA ILE C 71 -3.68 3.63 30.30
C ILE C 71 -3.33 4.62 31.41
N SER C 72 -4.09 4.59 32.50
CA SER C 72 -3.86 5.54 33.57
C SER C 72 -3.94 4.84 34.93
N VAL C 73 -3.35 5.50 35.93
CA VAL C 73 -3.28 4.96 37.28
C VAL C 73 -4.67 4.65 37.81
N GLN C 74 -4.89 3.39 38.17
CA GLN C 74 -6.18 2.93 38.65
C GLN C 74 -6.30 3.18 40.15
N THR C 75 -7.55 3.35 40.61
CA THR C 75 -7.89 3.34 42.02
C THR C 75 -8.70 2.10 42.39
N ASP C 76 -8.67 1.08 41.55
CA ASP C 76 -9.42 -0.15 41.76
C ASP C 76 -8.62 -1.29 41.14
N MET C 77 -8.28 -2.30 41.95
CA MET C 77 -7.47 -3.38 41.45
C MET C 77 -8.27 -4.29 40.53
N ASP C 78 -7.55 -5.09 39.74
CA ASP C 78 -8.12 -6.08 38.83
C ASP C 78 -8.96 -5.41 37.75
N ALA C 79 -8.67 -4.15 37.45
CA ALA C 79 -9.55 -3.36 36.60
C ALA C 79 -9.45 -3.76 35.13
N LEU C 80 -10.58 -3.68 34.44
CA LEU C 80 -10.63 -3.95 33.01
C LEU C 80 -10.22 -2.70 32.23
N LEU C 81 -9.25 -2.85 31.32
CA LEU C 81 -8.73 -1.70 30.59
C LEU C 81 -9.44 -1.51 29.26
N PHE C 82 -9.46 -2.54 28.43
CA PHE C 82 -10.10 -2.47 27.13
C PHE C 82 -10.31 -3.89 26.63
N ASN C 83 -11.08 -4.02 25.55
CA ASN C 83 -11.17 -5.28 24.85
C ASN C 83 -11.20 -5.02 23.36
N ILE C 84 -10.78 -6.02 22.59
CA ILE C 84 -10.70 -5.93 21.14
C ILE C 84 -11.58 -7.01 20.53
N PRO C 85 -12.61 -6.66 19.76
CA PRO C 85 -13.38 -7.68 19.03
C PRO C 85 -12.56 -8.35 17.95
N LEU C 86 -12.36 -9.67 18.09
CA LEU C 86 -11.60 -10.47 17.12
C LEU C 86 -12.48 -10.77 15.91
N ASP C 87 -12.68 -9.76 15.08
CA ASP C 87 -13.37 -9.94 13.82
C ASP C 87 -12.67 -9.12 12.74
N ILE C 88 -12.71 -9.64 11.51
CA ILE C 88 -12.12 -8.95 10.37
C ILE C 88 -13.18 -8.48 9.38
N GLN C 89 -14.29 -9.21 9.24
CA GLN C 89 -15.31 -8.81 8.26
C GLN C 89 -16.10 -7.60 8.75
N LEU C 90 -16.45 -7.57 10.02
CA LEU C 90 -17.23 -6.46 10.55
C LEU C 90 -16.33 -5.30 10.95
N ASP C 91 -16.97 -4.18 11.28
CA ASP C 91 -16.25 -2.96 11.64
C ASP C 91 -15.71 -3.08 13.06
N GLY C 92 -14.40 -3.09 13.19
CA GLY C 92 -13.77 -3.24 14.48
C GLY C 92 -12.31 -2.81 14.45
N PRO C 93 -11.65 -2.88 15.61
CA PRO C 93 -10.25 -2.46 15.69
C PRO C 93 -9.33 -3.14 14.70
N LEU C 94 -9.57 -4.40 14.37
CA LEU C 94 -8.76 -5.09 13.37
C LEU C 94 -8.94 -4.52 11.97
N ARG C 95 -10.08 -3.90 11.67
CA ARG C 95 -10.40 -3.51 10.31
C ARG C 95 -9.47 -2.44 9.76
N SER C 96 -8.58 -1.87 10.58
CA SER C 96 -7.62 -0.88 10.11
C SER C 96 -6.29 -1.50 9.67
N THR C 97 -6.05 -2.76 9.99
CA THR C 97 -4.74 -3.36 9.78
C THR C 97 -4.56 -3.79 8.33
N LEU C 98 -3.31 -3.87 7.91
CA LEU C 98 -3.00 -4.39 6.57
C LEU C 98 -3.45 -5.84 6.42
N LEU C 99 -3.28 -6.63 7.49
CA LEU C 99 -3.88 -7.96 7.59
C LEU C 99 -5.34 -7.96 7.14
N ALA C 100 -6.17 -7.17 7.81
CA ALA C 100 -7.60 -7.13 7.49
C ALA C 100 -7.91 -6.51 6.14
N ASN C 101 -7.02 -5.67 5.60
CA ASN C 101 -7.30 -5.08 4.29
C ASN C 101 -6.97 -6.02 3.14
N ILE C 102 -5.99 -6.90 3.32
CA ILE C 102 -5.74 -7.94 2.33
C ILE C 102 -6.66 -9.13 2.52
N ALA C 103 -6.92 -9.52 3.77
CA ALA C 103 -7.78 -10.65 4.05
C ALA C 103 -9.20 -10.42 3.55
N ARG C 104 -9.69 -9.18 3.56
CA ARG C 104 -11.05 -8.92 3.15
C ARG C 104 -11.26 -9.03 1.65
N TYR C 105 -10.20 -9.25 0.89
CA TYR C 105 -10.30 -9.63 -0.51
C TYR C 105 -10.54 -11.12 -0.69
N TYR C 106 -10.60 -11.88 0.40
CA TYR C 106 -10.83 -13.31 0.36
C TYR C 106 -11.98 -13.66 1.31
N THR C 107 -12.51 -14.87 1.16
CA THR C 107 -13.65 -15.31 1.94
C THR C 107 -13.29 -16.23 3.10
N HIS C 108 -12.32 -17.11 2.92
CA HIS C 108 -11.94 -18.08 3.93
C HIS C 108 -10.53 -17.78 4.44
N TRP C 109 -10.28 -18.13 5.70
CA TRP C 109 -8.98 -17.90 6.29
C TRP C 109 -8.69 -18.97 7.32
N SER C 110 -7.41 -19.14 7.62
CA SER C 110 -6.98 -20.09 8.64
C SER C 110 -5.59 -19.69 9.10
N GLY C 111 -5.24 -20.14 10.30
CA GLY C 111 -3.92 -19.93 10.85
C GLY C 111 -3.92 -18.95 12.01
N SER C 112 -2.80 -18.94 12.72
CA SER C 112 -2.65 -18.11 13.91
C SER C 112 -2.36 -16.67 13.53
N MET C 113 -2.91 -15.75 14.31
CA MET C 113 -2.58 -14.34 14.22
C MET C 113 -1.68 -13.96 15.39
N GLU C 114 -1.33 -12.69 15.46
CA GLU C 114 -0.57 -12.16 16.58
C GLU C 114 -0.97 -10.71 16.78
N MET C 115 -1.06 -10.29 18.04
CA MET C 115 -1.22 -8.89 18.40
C MET C 115 -0.04 -8.43 19.25
N THR C 116 0.64 -7.40 18.79
CA THR C 116 1.75 -6.80 19.50
C THR C 116 1.32 -5.47 20.12
N PHE C 117 1.60 -5.29 21.40
CA PHE C 117 1.27 -4.06 22.10
C PHE C 117 2.54 -3.36 22.53
N MET C 118 2.51 -2.03 22.48
CA MET C 118 3.68 -1.19 22.72
C MET C 118 3.36 -0.15 23.78
N PHE C 119 4.22 -0.04 24.78
CA PHE C 119 4.03 0.92 25.86
C PHE C 119 4.80 2.20 25.54
N CYS C 120 4.09 3.32 25.53
CA CYS C 120 4.67 4.60 25.16
C CYS C 120 4.53 5.61 26.30
N GLY C 121 4.71 5.13 27.54
CA GLY C 121 4.75 6.00 28.69
C GLY C 121 6.16 6.43 29.01
N SER C 122 6.29 7.17 30.11
CA SER C 122 7.60 7.64 30.52
C SER C 122 8.45 6.47 31.04
N PHE C 123 9.75 6.72 31.15
CA PHE C 123 10.67 5.69 31.65
C PHE C 123 10.38 5.34 33.10
N MET C 124 9.89 6.29 33.89
CA MET C 124 9.67 6.06 35.30
C MET C 124 8.32 5.43 35.61
N ALA C 125 7.52 5.13 34.59
CA ALA C 125 6.24 4.47 34.77
C ALA C 125 6.43 2.96 34.68
N THR C 126 5.92 2.25 35.67
CA THR C 126 5.95 0.79 35.70
C THR C 126 4.53 0.26 35.72
N GLY C 127 4.36 -0.97 35.27
CA GLY C 127 3.05 -1.58 35.26
C GLY C 127 3.09 -3.02 34.82
N LYS C 128 2.02 -3.72 35.11
CA LYS C 128 1.84 -5.10 34.66
C LYS C 128 0.41 -5.26 34.17
N VAL C 129 0.25 -5.80 32.96
CA VAL C 129 -1.07 -6.04 32.38
C VAL C 129 -1.12 -7.49 31.91
N ILE C 130 -2.32 -8.04 31.87
CA ILE C 130 -2.55 -9.39 31.37
C ILE C 130 -3.48 -9.29 30.17
N LEU C 131 -3.08 -9.89 29.06
CA LEU C 131 -3.84 -9.85 27.81
C LEU C 131 -4.32 -11.25 27.50
N CYS C 132 -5.62 -11.45 27.52
CA CYS C 132 -6.22 -12.78 27.45
C CYS C 132 -7.02 -12.96 26.16
N TYR C 133 -6.83 -14.10 25.51
CA TYR C 133 -7.63 -14.51 24.38
C TYR C 133 -8.60 -15.59 24.81
N THR C 134 -9.88 -15.41 24.49
CA THR C 134 -10.92 -16.34 24.90
C THR C 134 -11.50 -17.05 23.70
N PRO C 135 -11.36 -18.37 23.58
CA PRO C 135 -11.99 -19.07 22.48
C PRO C 135 -13.50 -18.92 22.53
N PRO C 136 -14.17 -18.99 21.38
CA PRO C 136 -15.59 -18.64 21.33
C PRO C 136 -16.46 -19.69 22.01
N GLY C 137 -17.72 -19.33 22.21
CA GLY C 137 -18.68 -20.22 22.82
C GLY C 137 -19.57 -19.52 23.82
N GLY C 138 -19.12 -18.39 24.35
CA GLY C 138 -19.85 -17.68 25.37
C GLY C 138 -19.67 -16.18 25.31
N SER C 139 -20.03 -15.49 26.39
CA SER C 139 -19.92 -14.05 26.46
C SER C 139 -18.48 -13.64 26.74
N CYS C 140 -18.20 -12.37 26.48
CA CYS C 140 -16.86 -11.83 26.73
C CYS C 140 -16.60 -11.74 28.24
N PRO C 141 -15.43 -12.17 28.71
CA PRO C 141 -15.12 -12.04 30.14
C PRO C 141 -15.03 -10.58 30.56
N THR C 142 -15.72 -10.24 31.65
CA THR C 142 -15.70 -8.90 32.20
C THR C 142 -14.94 -8.80 33.52
N ASP C 143 -14.61 -9.92 34.15
CA ASP C 143 -13.81 -9.96 35.36
C ASP C 143 -12.51 -10.70 35.06
N ARG C 144 -11.45 -10.32 35.77
CA ARG C 144 -10.14 -10.91 35.53
C ARG C 144 -10.09 -12.38 35.92
N GLU C 145 -10.81 -12.77 36.96
CA GLU C 145 -10.80 -14.18 37.38
C GLU C 145 -11.38 -15.08 36.31
N SER C 146 -12.40 -14.61 35.60
CA SER C 146 -12.95 -15.37 34.47
C SER C 146 -12.07 -15.27 33.23
N ALA C 147 -11.38 -14.15 33.04
CA ALA C 147 -10.62 -13.93 31.83
C ALA C 147 -9.31 -14.70 31.80
N MET C 148 -8.65 -14.86 32.95
CA MET C 148 -7.35 -15.53 32.99
C MET C 148 -7.45 -17.03 32.74
N LEU C 149 -8.65 -17.57 32.57
CA LEU C 149 -8.81 -19.00 32.36
C LEU C 149 -8.48 -19.45 30.95
N GLY C 150 -8.32 -18.52 30.02
CA GLY C 150 -7.96 -18.83 28.65
C GLY C 150 -6.51 -18.50 28.34
N THR C 151 -6.23 -18.38 27.05
CA THR C 151 -4.87 -18.05 26.61
C THR C 151 -4.55 -16.61 26.97
N HIS C 152 -3.45 -16.40 27.70
CA HIS C 152 -3.11 -15.07 28.15
C HIS C 152 -1.60 -14.93 28.25
N ILE C 153 -1.15 -13.68 28.30
CA ILE C 153 0.25 -13.33 28.50
C ILE C 153 0.29 -12.15 29.46
N VAL C 154 1.17 -12.22 30.46
CA VAL C 154 1.33 -11.13 31.43
C VAL C 154 2.50 -10.27 30.96
N TRP C 155 2.23 -8.99 30.73
CA TRP C 155 3.20 -8.06 30.19
C TRP C 155 3.73 -7.17 31.30
N ASP C 156 5.04 -7.18 31.50
CA ASP C 156 5.71 -6.35 32.48
C ASP C 156 6.53 -5.29 31.76
N PHE C 157 6.23 -4.02 32.01
CA PHE C 157 6.89 -2.92 31.32
C PHE C 157 8.36 -2.84 31.74
N GLY C 158 9.25 -2.79 30.76
CA GLY C 158 10.68 -2.79 31.03
C GLY C 158 11.45 -2.19 29.88
N LEU C 159 12.69 -2.67 29.71
CA LEU C 159 13.54 -2.18 28.63
C LEU C 159 13.07 -2.63 27.27
N GLN C 160 12.30 -3.70 27.19
CA GLN C 160 11.67 -4.14 25.95
C GLN C 160 10.23 -3.65 25.99
N SER C 161 9.89 -2.78 25.04
CA SER C 161 8.66 -2.01 25.10
C SER C 161 7.47 -2.70 24.44
N SER C 162 7.65 -3.88 23.88
CA SER C 162 6.60 -4.55 23.13
C SER C 162 6.37 -5.95 23.66
N ILE C 163 5.10 -6.31 23.81
CA ILE C 163 4.71 -7.67 24.15
C ILE C 163 3.94 -8.24 22.97
N THR C 164 3.95 -9.56 22.86
CA THR C 164 3.26 -10.25 21.78
C THR C 164 2.28 -11.25 22.38
N LEU C 165 1.01 -11.08 22.04
CA LEU C 165 -0.03 -12.04 22.39
C LEU C 165 -0.40 -12.79 21.12
N VAL C 166 -0.01 -14.05 21.04
CA VAL C 166 -0.32 -14.87 19.88
C VAL C 166 -1.74 -15.38 20.02
N ILE C 167 -2.54 -15.20 18.97
CA ILE C 167 -3.89 -15.75 18.91
C ILE C 167 -3.78 -17.12 18.25
N PRO C 168 -3.75 -18.21 19.01
CA PRO C 168 -3.57 -19.52 18.41
C PRO C 168 -4.76 -19.91 17.57
N TRP C 169 -4.50 -20.71 16.54
CA TRP C 169 -5.57 -21.22 15.69
C TRP C 169 -6.28 -22.34 16.44
N ILE C 170 -7.40 -22.00 17.05
CA ILE C 170 -8.23 -22.97 17.76
C ILE C 170 -9.60 -22.93 17.09
N SER C 171 -9.78 -23.77 16.09
CA SER C 171 -11.03 -23.84 15.35
C SER C 171 -11.43 -25.28 15.15
N GLY C 172 -12.75 -25.52 15.15
CA GLY C 172 -13.24 -26.86 14.85
C GLY C 172 -12.98 -27.26 13.42
N SER C 173 -13.23 -26.36 12.48
CA SER C 173 -13.04 -26.62 11.06
C SER C 173 -11.65 -26.20 10.61
N HIS C 174 -11.26 -26.64 9.42
CA HIS C 174 -9.97 -26.27 8.87
C HIS C 174 -9.91 -24.79 8.52
N PHE C 175 -11.02 -24.21 8.06
CA PHE C 175 -11.07 -22.81 7.67
C PHE C 175 -12.26 -22.14 8.35
N ARG C 176 -12.17 -20.83 8.48
CA ARG C 176 -13.28 -20.01 8.94
C ARG C 176 -13.77 -19.15 7.78
N MET C 177 -14.76 -18.30 8.05
CA MET C 177 -15.37 -17.49 7.02
C MET C 177 -15.46 -16.04 7.46
N PHE C 178 -15.47 -15.15 6.48
CA PHE C 178 -15.74 -13.73 6.72
C PHE C 178 -17.22 -13.44 6.49
N ASN C 179 -18.02 -14.08 7.34
CA ASN C 179 -19.46 -14.01 7.25
C ASN C 179 -19.99 -12.75 7.91
N SER C 180 -21.14 -12.29 7.42
CA SER C 180 -21.81 -11.16 8.05
C SER C 180 -22.38 -11.53 9.42
N ASP C 181 -22.57 -12.82 9.70
CA ASP C 181 -23.10 -13.28 10.98
C ASP C 181 -21.93 -13.47 11.94
N ALA C 182 -21.69 -12.47 12.78
CA ALA C 182 -20.60 -12.55 13.75
C ALA C 182 -20.84 -13.64 14.79
N LYS C 183 -22.09 -14.03 15.01
CA LYS C 183 -22.44 -15.02 16.02
C LYS C 183 -22.49 -16.44 15.45
N SER C 184 -21.85 -16.69 14.32
CA SER C 184 -21.93 -17.98 13.67
C SER C 184 -20.76 -18.87 14.09
N ILE C 185 -20.99 -20.18 14.02
CA ILE C 185 -19.96 -21.15 14.39
C ILE C 185 -18.77 -21.05 13.46
N ASN C 186 -19.02 -20.78 12.18
CA ASN C 186 -17.96 -20.73 11.18
C ASN C 186 -17.25 -19.38 11.12
N ALA C 187 -17.70 -18.39 11.88
CA ALA C 187 -17.17 -17.04 11.77
C ALA C 187 -16.60 -16.49 13.08
N ASN C 188 -17.28 -16.72 14.20
CA ASN C 188 -16.83 -16.15 15.47
C ASN C 188 -15.47 -16.71 15.86
N VAL C 189 -14.58 -15.82 16.30
CA VAL C 189 -13.22 -16.20 16.63
C VAL C 189 -12.94 -16.13 18.13
N GLY C 190 -13.59 -15.25 18.86
CA GLY C 190 -13.38 -15.13 20.28
C GLY C 190 -13.26 -13.68 20.68
N TYR C 191 -12.60 -13.45 21.82
CA TYR C 191 -12.46 -12.13 22.39
C TYR C 191 -11.03 -11.92 22.86
N VAL C 192 -10.61 -10.66 22.91
CA VAL C 192 -9.33 -10.27 23.50
C VAL C 192 -9.61 -9.17 24.50
N THR C 193 -9.18 -9.37 25.75
CA THR C 193 -9.43 -8.41 26.82
C THR C 193 -8.12 -8.13 27.54
N CYS C 194 -7.98 -6.90 28.02
CA CYS C 194 -6.82 -6.48 28.80
C CYS C 194 -7.27 -6.02 30.18
N PHE C 195 -6.59 -6.51 31.21
CA PHE C 195 -6.88 -6.14 32.58
C PHE C 195 -5.61 -5.66 33.26
N MET C 196 -5.76 -4.78 34.23
CA MET C 196 -4.63 -4.42 35.08
C MET C 196 -4.21 -5.63 35.92
N GLN C 197 -2.96 -6.05 35.75
CA GLN C 197 -2.45 -7.13 36.59
C GLN C 197 -2.13 -6.61 37.98
N THR C 198 -1.28 -5.58 38.09
CA THR C 198 -1.08 -4.90 39.37
C THR C 198 -1.55 -3.45 39.34
N ASN C 199 -0.87 -2.57 38.60
CA ASN C 199 -1.31 -1.20 38.37
C ASN C 199 -0.35 -0.49 37.43
N LEU C 200 -0.63 0.75 37.06
CA LEU C 200 0.39 1.69 36.61
C LEU C 200 0.87 2.52 37.79
N ILE C 201 2.17 2.49 38.05
CA ILE C 201 2.77 3.25 39.15
C ILE C 201 3.73 4.28 38.56
N VAL C 202 3.61 5.53 38.99
CA VAL C 202 4.43 6.63 38.48
C VAL C 202 4.93 7.47 39.66
N PRO C 203 6.07 8.15 39.53
CA PRO C 203 6.54 9.02 40.61
C PRO C 203 5.65 10.23 40.82
N LYS C 204 6.02 11.09 41.77
CA LYS C 204 5.18 12.25 42.08
C LYS C 204 5.08 13.21 40.90
N GLU C 205 6.19 13.43 40.20
CA GLU C 205 6.23 14.45 39.15
C GLU C 205 5.92 13.92 37.76
N ALA C 206 5.71 12.62 37.61
CA ALA C 206 5.47 12.04 36.30
C ALA C 206 3.99 12.05 35.95
N ALA C 207 3.71 11.96 34.65
CA ALA C 207 2.34 11.95 34.19
C ALA C 207 1.65 10.65 34.58
N THR C 208 0.41 10.76 35.04
CA THR C 208 -0.38 9.64 35.50
C THR C 208 -1.17 8.95 34.40
N SER C 209 -1.14 9.46 33.17
CA SER C 209 -1.74 8.79 32.03
C SER C 209 -0.73 8.58 30.91
N THR C 210 -0.80 7.40 30.30
CA THR C 210 0.17 6.91 29.33
C THR C 210 -0.62 6.27 28.21
N TYR C 211 0.05 5.98 27.09
CA TYR C 211 -0.63 5.33 25.97
C TYR C 211 0.02 4.01 25.62
N ILE C 212 -0.84 3.10 25.13
CA ILE C 212 -0.43 1.88 24.42
C ILE C 212 -0.77 2.04 22.94
N ILE C 213 0.15 1.61 22.07
CA ILE C 213 -0.15 1.33 20.67
C ILE C 213 -0.30 -0.17 20.50
N GLY C 214 -1.35 -0.59 19.80
CA GLY C 214 -1.57 -1.99 19.45
C GLY C 214 -1.39 -2.26 17.97
N PHE C 215 -0.72 -3.37 17.66
CA PHE C 215 -0.46 -3.83 16.30
C PHE C 215 -0.97 -5.25 16.15
N ALA C 216 -1.38 -5.63 14.93
CA ALA C 216 -1.74 -7.01 14.65
C ALA C 216 -1.13 -7.48 13.34
N ALA C 217 -0.91 -8.79 13.23
CA ALA C 217 -0.37 -9.39 12.02
C ALA C 217 -0.77 -10.86 11.97
N ALA C 218 -0.57 -11.45 10.79
CA ALA C 218 -0.61 -12.90 10.61
C ALA C 218 0.74 -13.52 11.00
N LYS C 219 0.73 -14.84 11.17
CA LYS C 219 1.98 -15.62 11.26
C LYS C 219 2.16 -16.52 10.04
N ASN C 220 3.26 -17.27 10.05
CA ASN C 220 3.69 -18.07 8.90
C ASN C 220 2.77 -19.22 8.57
N ASP C 221 1.78 -19.52 9.41
CA ASP C 221 0.82 -20.59 9.16
C ASP C 221 -0.52 -20.06 8.63
N PHE C 222 -0.60 -18.78 8.32
CA PHE C 222 -1.83 -18.12 7.91
C PHE C 222 -2.05 -18.29 6.41
N SER C 223 -3.30 -18.52 6.03
CA SER C 223 -3.65 -18.72 4.63
C SER C 223 -5.05 -18.16 4.35
N LEU C 224 -5.27 -17.79 3.09
CA LEU C 224 -6.50 -17.18 2.62
C LEU C 224 -7.00 -17.92 1.38
N ARG C 225 -8.32 -18.03 1.25
CA ARG C 225 -8.91 -18.74 0.12
C ARG C 225 -10.11 -17.99 -0.42
N LEU C 226 -10.48 -18.34 -1.66
CA LEU C 226 -11.73 -17.91 -2.30
C LEU C 226 -11.80 -16.38 -2.41
N MET C 227 -10.94 -15.86 -3.27
CA MET C 227 -10.84 -14.42 -3.50
C MET C 227 -12.18 -13.83 -3.93
N ARG C 228 -12.56 -12.72 -3.30
CA ARG C 228 -13.80 -12.01 -3.58
C ARG C 228 -13.51 -10.53 -3.76
N ASP C 229 -14.55 -9.71 -3.91
CA ASP C 229 -14.38 -8.27 -3.97
C ASP C 229 -14.49 -7.68 -2.57
N SER C 230 -13.51 -6.87 -2.20
CA SER C 230 -13.47 -6.32 -0.85
C SER C 230 -14.58 -5.29 -0.65
N PRO C 231 -15.23 -5.28 0.52
CA PRO C 231 -16.23 -4.26 0.81
C PRO C 231 -15.66 -2.91 1.22
N ASP C 232 -14.37 -2.68 1.04
CA ASP C 232 -13.71 -1.48 1.53
C ASP C 232 -13.76 -0.31 0.56
N ILE C 233 -14.33 -0.48 -0.62
CA ILE C 233 -14.36 0.60 -1.60
C ILE C 233 -15.51 0.35 -2.56
N GLY C 234 -16.02 1.43 -3.14
CA GLY C 234 -17.10 1.33 -4.11
C GLY C 234 -17.34 2.66 -4.78
N GLN C 235 -17.93 2.59 -5.98
CA GLN C 235 -18.24 3.76 -6.78
C GLN C 235 -19.74 4.04 -6.73
N SER C 236 -20.09 5.30 -6.95
CA SER C 236 -21.49 5.68 -7.08
C SER C 236 -21.68 6.49 -8.35
N GLN C 237 -20.64 7.21 -8.76
CA GLN C 237 -20.66 8.04 -9.95
C GLN C 237 -19.30 7.98 -10.62
N GLN C 238 -19.24 8.51 -11.84
CA GLN C 238 -17.95 8.61 -12.53
C GLN C 238 -17.07 9.62 -11.80
N LEU C 239 -15.77 9.32 -11.74
CA LEU C 239 -14.84 10.19 -11.04
C LEU C 239 -14.59 11.46 -11.85
N GLU C 240 -13.97 12.44 -11.19
CA GLU C 240 -13.63 13.68 -11.87
C GLU C 240 -12.61 13.42 -12.96
N GLY C 241 -12.90 13.91 -14.17
CA GLY C 241 -12.05 13.66 -15.31
C GLY C 241 -12.26 12.32 -15.99
N ALA C 242 -13.16 11.48 -15.48
CA ALA C 242 -13.39 10.17 -16.09
C ALA C 242 -14.03 10.32 -17.47
N THR C 243 -15.08 11.13 -17.56
CA THR C 243 -15.73 11.37 -18.84
C THR C 243 -14.98 12.39 -19.69
N ALA C 244 -14.06 13.15 -19.10
CA ALA C 244 -13.24 14.06 -19.88
C ALA C 244 -12.22 13.32 -20.74
N ALA C 245 -11.97 12.05 -20.43
CA ALA C 245 -11.03 11.25 -21.23
C ALA C 245 -11.57 10.92 -22.61
N PHE C 246 -12.86 11.12 -22.86
CA PHE C 246 -13.46 10.83 -24.14
C PHE C 246 -13.54 12.05 -25.05
N GLN C 247 -13.03 13.19 -24.61
CA GLN C 247 -13.07 14.40 -25.42
C GLN C 247 -11.66 14.95 -25.64
N ILE D 1 -0.75 -24.20 -24.50
CA ILE D 1 -0.91 -23.99 -25.93
C ILE D 1 -0.65 -22.54 -26.30
N ASN D 2 0.48 -22.30 -26.97
CA ASN D 2 0.82 -20.97 -27.47
C ASN D 2 1.38 -21.13 -28.87
N PHE D 3 0.62 -20.69 -29.87
CA PHE D 3 1.05 -20.76 -31.27
C PHE D 3 1.38 -19.38 -31.84
N TYR D 4 1.58 -18.39 -30.98
CA TYR D 4 1.98 -17.06 -31.39
C TYR D 4 3.49 -16.91 -31.32
N LYS D 5 4.02 -16.03 -32.17
CA LYS D 5 5.47 -15.85 -32.22
C LYS D 5 6.00 -15.08 -31.02
N ASP D 6 5.24 -14.10 -30.53
CA ASP D 6 5.71 -13.27 -29.44
C ASP D 6 5.46 -13.92 -28.09
N SER D 7 6.51 -14.04 -27.28
CA SER D 7 6.43 -14.78 -26.03
C SER D 7 5.51 -14.11 -25.02
N TYR D 8 5.33 -12.79 -25.12
CA TYR D 8 4.40 -12.08 -24.25
C TYR D 8 2.94 -12.46 -24.50
N ALA D 9 2.62 -13.09 -25.62
CA ALA D 9 1.25 -13.51 -25.88
C ALA D 9 0.83 -14.68 -24.99
N ALA D 10 1.76 -15.38 -24.37
CA ALA D 10 1.47 -16.61 -23.65
C ALA D 10 0.48 -16.40 -22.51
N SER D 11 0.01 -17.52 -21.97
CA SER D 11 -0.78 -17.56 -20.74
C SER D 11 0.00 -17.02 -19.53
N ALA D 12 -0.74 -16.79 -18.46
CA ALA D 12 -0.19 -16.39 -17.18
C ALA D 12 0.81 -17.41 -16.63
N SER D 13 1.70 -16.93 -15.77
CA SER D 13 2.80 -17.69 -15.20
C SER D 13 2.63 -17.91 -13.70
N LYS D 14 1.46 -18.39 -13.29
CA LYS D 14 1.05 -18.48 -11.88
C LYS D 14 1.73 -19.66 -11.15
N GLN D 15 3.06 -19.55 -10.99
CA GLN D 15 3.83 -20.71 -10.56
C GLN D 15 5.04 -20.39 -9.68
N ASP D 16 5.20 -19.16 -9.19
CA ASP D 16 6.41 -18.73 -8.49
C ASP D 16 6.23 -18.74 -6.97
N PHE D 17 6.46 -19.90 -6.36
CA PHE D 17 6.16 -20.13 -4.95
C PHE D 17 7.23 -19.63 -3.99
N SER D 18 8.30 -19.01 -4.48
CA SER D 18 9.32 -18.46 -3.59
C SER D 18 8.78 -17.28 -2.80
N GLN D 19 9.22 -17.17 -1.54
CA GLN D 19 8.79 -16.10 -0.65
C GLN D 19 9.99 -15.56 0.12
N ASP D 20 9.85 -14.32 0.60
CA ASP D 20 10.87 -13.68 1.42
C ASP D 20 10.20 -12.68 2.37
N PRO D 21 9.50 -13.17 3.39
CA PRO D 21 8.81 -12.27 4.32
C PRO D 21 9.73 -11.35 5.12
N SER D 22 11.04 -11.40 4.86
CA SER D 22 12.04 -10.81 5.74
C SER D 22 12.46 -9.42 5.32
N LYS D 23 12.23 -9.04 4.06
CA LYS D 23 12.46 -7.67 3.61
C LYS D 23 11.49 -6.70 4.25
N PHE D 24 10.34 -7.18 4.70
CA PHE D 24 9.30 -6.36 5.31
C PHE D 24 9.16 -6.57 6.81
N THR D 25 9.23 -7.82 7.28
CA THR D 25 9.02 -8.08 8.70
C THR D 25 10.29 -7.87 9.54
N GLU D 26 11.47 -8.18 9.01
CA GLU D 26 12.73 -7.96 9.72
C GLU D 26 13.76 -7.30 8.82
N PRO D 27 13.52 -6.03 8.44
CA PRO D 27 14.49 -5.32 7.60
C PRO D 27 15.51 -4.51 8.41
N VAL D 28 16.24 -5.20 9.29
CA VAL D 28 17.16 -4.54 10.20
C VAL D 28 18.59 -4.95 9.87
N ALA D 29 19.54 -4.14 10.34
CA ALA D 29 20.94 -4.38 10.04
C ALA D 29 21.48 -5.59 10.78
N ASP D 30 21.17 -5.70 12.07
CA ASP D 30 21.59 -6.84 12.88
C ASP D 30 20.44 -7.83 12.97
N ALA D 31 20.69 -9.06 12.55
CA ALA D 31 19.64 -10.07 12.58
C ALA D 31 19.20 -10.36 14.01
N LEU D 32 17.89 -10.43 14.21
CA LEU D 32 17.33 -10.73 15.52
C LEU D 32 17.22 -12.24 15.69
N LYS D 33 17.64 -12.72 16.86
CA LYS D 33 17.56 -14.13 17.17
C LYS D 33 16.18 -14.45 17.73
N ALA D 34 15.99 -15.67 18.23
CA ALA D 34 14.73 -16.11 18.82
C ALA D 34 14.91 -16.27 20.32
N GLY D 35 14.04 -15.62 21.09
CA GLY D 35 14.14 -15.65 22.52
C GLY D 35 15.18 -14.72 23.12
N ALA D 36 16.19 -14.35 22.34
CA ALA D 36 17.18 -13.39 22.82
C ALA D 36 16.53 -12.02 22.95
N PRO D 37 16.93 -11.23 23.94
CA PRO D 37 16.33 -9.90 24.13
C PRO D 37 16.68 -8.97 22.98
N VAL D 38 15.66 -8.47 22.29
CA VAL D 38 15.88 -7.45 21.27
C VAL D 38 16.32 -6.17 21.96
N LEU D 39 17.46 -5.63 21.53
CA LEU D 39 18.15 -4.52 22.17
C LEU D 39 18.26 -4.64 23.70
#